data_2PLV
#
_entry.id   2PLV
#
_cell.length_a   322.940
_cell.length_b   358.040
_cell.length_c   380.150
_cell.angle_alpha   90.00
_cell.angle_beta   90.00
_cell.angle_gamma   90.00
#
_symmetry.space_group_name_H-M   'P 21 21 2'
#
loop_
_entity.id
_entity.type
_entity.pdbx_description
1 polymer 'HUMAN POLIOVIRUS TYPE 1 (SUBUNIT VP1)'
2 polymer 'HUMAN POLIOVIRUS TYPE 1 (SUBUNIT VP2)'
3 polymer 'HUMAN POLIOVIRUS TYPE 1 (SUBUNIT VP3)'
4 polymer 'HUMAN POLIOVIRUS TYPE 1 (SUBUNIT VP4)'
5 non-polymer SPHINGOSINE
6 non-polymer 'MYRISTIC ACID'
7 water water
#
loop_
_entity_poly.entity_id
_entity_poly.type
_entity_poly.pdbx_seq_one_letter_code
_entity_poly.pdbx_strand_id
1 'polypeptide(L)'
;GLGQMLESMIDNTVSSTVGAATSRDALPNTEASGPTHSKEIPALTAVETGATNPLVPSDTVQTRHVVQHRSRSESSIESF
FARGACVTIMTVDNPASTTNKDKLFAVWKITYKDTVQLRRKLEFFTYSRFDMELTFVVTANFTETNNGHALNQVYQIMYV
PPGAPVPEKWDDYTWQTSSNPSIFYTYGTAPARISVPYVGISNAYSHFYDGFSKVPLKDQSAALGDSLYGAASLNDFGIL
AVRVVNDHNPTKVTSKIRVYLKPKHIRVWCPRPPRAVAYYGPGVDYKDGTLTPLSTKDLTTY
;
1
2 'polypeptide(L)'
;SPNIEACGYSDRVLQLTLGNSTITTQEAANSVVAYGRWPEYLRDSEANPVDQPTEPDVAACRFYTLDTVSWTKESRGWWW
KLPDALRDMGLFGQNMYYHYLGRSGYTVHVQCNASKFHQGALGVFAVPEMCLAGDSNTTTMHTSYQNANPGEKGGTFTGT
FTPDNNQTSPARRFCPVDYLLGNGTLLGNAFVFPHQIINLRTNNCATLVLPYVNSLSIDSMVKHNNWGIAILPLAPLNFA
SESSPEIPITLTIAPMCCEFNGLRNITLPRLQ
;
2
3 'polypeptide(L)'
;GLPVMNTPGSNQYLTADNFQSPCALPEFDVTPPIDIPGEVKNMMELAEIDTMIPFDLSATKKNTMEMYRVRLSDKPHTDD
PILCLSLSPASDPRLSHTMLGEILNYYTHWAGSLKFTFLFCGSMMATGKLLVSYAPPGADPPKKRKEAMLGTHVIWDIGL
QSSCTMVVPWISNTTYRQTIDDSFTEGGYISVFYQTRIVVPLSTPREMDILGFVSACNDFSVRLLRDTTHIEQKALAQ
;
3
4 'polypeptide(L)' GAQVSSQKVGAHENSNRAYGGSTINYTTINYYRDSASNAASKQDFSQDPSKFTEPIKDVLIKTAPMLN 4
#
loop_
_chem_comp.id
_chem_comp.type
_chem_comp.name
_chem_comp.formula
MYR non-polymer 'MYRISTIC ACID' 'C14 H28 O2'
SPH non-polymer SPHINGOSINE 'C18 H37 N O2'
#
# COMPACT_ATOMS: atom_id res chain seq x y z
N GLY A 3 38.96 16.63 10.32
CA GLY A 3 38.58 18.19 10.21
C GLY A 3 37.13 18.41 9.62
N SER A 8 37.07 19.33 8.73
CA SER A 8 35.76 19.55 8.03
C SER A 8 35.52 18.77 6.65
N SER A 15 34.63 17.93 6.74
CA SER A 15 34.16 17.27 5.45
C SER A 15 32.93 18.08 4.77
N SER A 16 33.23 18.65 3.67
CA SER A 16 32.15 19.42 2.88
C SER A 16 31.18 18.55 1.95
N THR A 17 30.19 19.20 1.49
CA THR A 17 29.13 18.50 0.62
C THR A 17 28.18 19.40 -0.27
N ALA A 20 21.79 9.15 -8.88
CA ALA A 20 22.19 10.69 -8.64
C ALA A 20 21.06 11.75 -8.35
N ALA A 21 19.92 11.45 -8.90
CA ALA A 21 18.72 12.38 -8.68
C ALA A 21 18.19 12.63 -7.20
N THR A 22 18.50 13.78 -6.75
CA THR A 22 18.05 14.17 -5.32
C THR A 22 16.51 14.44 -5.07
N SER A 23 16.09 13.92 -3.97
CA SER A 23 14.61 14.18 -3.60
C SER A 23 14.13 15.70 -3.78
N ARG A 24 15.13 16.51 -3.55
CA ARG A 24 14.84 18.02 -3.70
C ARG A 24 15.28 18.73 -5.04
N ASP A 25 15.57 17.88 -5.98
CA ASP A 25 15.90 18.44 -7.37
C ASP A 25 14.60 18.91 -8.18
N ALA A 26 14.77 19.99 -8.81
CA ALA A 26 13.58 20.48 -9.66
C ALA A 26 12.99 19.46 -10.73
N LEU A 27 11.72 19.28 -10.63
CA LEU A 27 11.07 18.34 -11.64
C LEU A 27 11.31 18.73 -13.15
N PRO A 28 11.19 17.77 -13.96
CA PRO A 28 11.45 18.02 -15.44
C PRO A 28 10.70 19.20 -16.17
N ASN A 29 11.50 20.00 -16.79
CA ASN A 29 10.88 21.13 -17.59
C ASN A 29 9.88 20.79 -18.78
N THR A 30 8.83 21.50 -18.77
CA THR A 30 7.85 21.30 -19.92
C THR A 30 8.32 21.87 -21.33
N GLU A 31 8.54 20.96 -22.19
CA GLU A 31 9.01 21.39 -23.57
C GLU A 31 8.00 21.88 -24.70
N ALA A 32 8.39 22.98 -25.25
CA ALA A 32 7.50 23.50 -26.40
C ALA A 32 7.10 22.44 -27.53
N SER A 33 5.86 22.25 -27.59
CA SER A 33 5.32 21.24 -28.62
C SER A 33 4.24 21.75 -29.66
N GLY A 34 4.59 21.55 -30.88
CA GLY A 34 3.65 22.02 -31.98
C GLY A 34 2.62 20.94 -32.50
N PRO A 35 1.94 21.36 -33.51
CA PRO A 35 0.93 20.39 -34.14
C PRO A 35 1.44 18.98 -34.65
N THR A 36 0.53 18.12 -34.76
CA THR A 36 0.90 16.72 -35.22
C THR A 36 -0.10 15.90 -36.12
N HIS A 37 0.45 15.46 -37.17
CA HIS A 37 -0.35 14.57 -38.15
C HIS A 37 0.44 13.26 -38.58
N SER A 38 0.66 12.50 -37.53
CA SER A 38 1.50 11.25 -37.74
C SER A 38 0.95 9.82 -37.38
N LYS A 39 1.76 8.88 -37.79
CA LYS A 39 1.40 7.44 -37.46
C LYS A 39 1.69 7.01 -35.98
N GLU A 40 2.31 7.97 -35.33
CA GLU A 40 2.58 7.75 -33.83
C GLU A 40 1.36 8.00 -32.81
N ILE A 41 1.07 6.98 -32.15
CA ILE A 41 -0.14 7.05 -31.23
C ILE A 41 0.03 6.96 -29.67
N PRO A 42 0.70 7.96 -29.18
CA PRO A 42 0.86 8.02 -27.65
C PRO A 42 -0.46 7.91 -26.78
N ALA A 43 -1.38 8.72 -27.25
CA ALA A 43 -2.77 8.68 -26.56
C ALA A 43 -3.49 7.26 -26.45
N LEU A 44 -3.21 6.53 -27.49
CA LEU A 44 -3.75 5.11 -27.54
C LEU A 44 -2.88 4.02 -26.80
N THR A 45 -3.55 3.23 -26.09
CA THR A 45 -2.81 2.14 -25.31
C THR A 45 -3.62 0.87 -24.84
N ALA A 46 -3.01 0.17 -23.98
CA ALA A 46 -3.69 -1.09 -23.41
C ALA A 46 -3.42 -1.49 -21.90
N VAL A 47 -4.15 -0.79 -21.06
CA VAL A 47 -3.97 -1.08 -19.57
C VAL A 47 -3.92 -2.60 -19.13
N GLU A 48 -4.53 -3.38 -20.01
CA GLU A 48 -4.47 -4.89 -19.74
C GLU A 48 -3.03 -5.54 -19.42
N THR A 49 -2.10 -4.91 -20.11
CA THR A 49 -0.65 -5.35 -19.91
C THR A 49 -0.06 -5.20 -18.44
N GLY A 50 -0.83 -4.46 -17.70
CA GLY A 50 -0.39 -4.19 -16.26
C GLY A 50 0.39 -2.83 -16.05
N ALA A 51 0.66 -2.26 -17.19
CA ALA A 51 1.41 -0.93 -17.18
C ALA A 51 0.62 0.44 -17.32
N THR A 52 1.25 1.43 -16.79
CA THR A 52 0.62 2.82 -16.87
C THR A 52 1.25 3.84 -17.91
N ASN A 53 0.43 4.17 -18.86
CA ASN A 53 0.93 5.14 -19.90
C ASN A 53 1.78 6.42 -19.51
N PRO A 54 3.04 6.26 -19.70
CA PRO A 54 4.00 7.39 -19.34
C PRO A 54 3.83 8.81 -20.01
N LEU A 55 2.61 9.04 -20.37
CA LEU A 55 2.30 10.33 -21.07
C LEU A 55 2.51 11.69 -20.31
N VAL A 56 2.73 12.64 -21.12
CA VAL A 56 2.89 14.07 -20.62
C VAL A 56 2.18 15.18 -21.51
N PRO A 57 1.63 16.10 -20.84
CA PRO A 57 0.90 17.20 -21.63
C PRO A 57 1.28 17.41 -23.15
N SER A 58 2.56 17.52 -23.35
CA SER A 58 3.07 17.69 -24.78
C SER A 58 2.76 16.53 -25.82
N ASP A 59 2.33 15.45 -25.23
CA ASP A 59 1.94 14.24 -26.09
C ASP A 59 0.48 14.29 -26.73
N THR A 60 -0.34 14.95 -25.98
CA THR A 60 -1.80 15.11 -26.45
C THR A 60 -2.32 16.56 -26.77
N VAL A 61 -1.46 17.47 -26.48
CA VAL A 61 -1.76 18.93 -26.76
C VAL A 61 -0.54 19.89 -27.06
N GLN A 62 -0.89 20.92 -27.75
CA GLN A 62 0.22 21.94 -28.06
C GLN A 62 0.74 22.79 -26.81
N THR A 63 1.89 22.40 -26.42
CA THR A 63 2.50 23.09 -25.21
C THR A 63 3.63 24.16 -25.43
N ARG A 64 3.63 25.05 -24.51
CA ARG A 64 4.75 26.10 -24.51
C ARG A 64 6.01 25.67 -23.62
N HIS A 65 7.07 26.30 -23.88
CA HIS A 65 8.28 25.98 -23.03
C HIS A 65 8.26 26.54 -21.55
N VAL A 66 8.29 25.62 -20.67
CA VAL A 66 8.27 26.03 -19.20
C VAL A 66 9.40 25.52 -18.24
N VAL A 67 10.14 26.48 -17.79
CA VAL A 67 11.24 26.11 -16.80
C VAL A 67 10.77 25.71 -15.35
N GLN A 68 10.68 24.43 -15.20
CA GLN A 68 10.18 23.89 -13.87
C GLN A 68 11.06 24.03 -12.57
N HIS A 69 10.49 24.75 -11.67
CA HIS A 69 11.19 24.96 -10.32
C HIS A 69 10.71 24.05 -9.12
N ARG A 70 9.55 23.51 -9.37
CA ARG A 70 8.96 22.60 -8.30
C ARG A 70 9.73 21.27 -7.92
N SER A 71 9.63 21.00 -6.68
CA SER A 71 10.34 19.77 -6.12
C SER A 71 9.49 18.71 -5.30
N ARG A 72 9.98 17.54 -5.34
CA ARG A 72 9.29 16.45 -4.50
C ARG A 72 9.94 16.21 -3.07
N SER A 73 10.73 17.22 -2.77
CA SER A 73 11.43 17.21 -1.40
C SER A 73 10.57 16.74 -0.15
N GLU A 74 9.51 17.48 0.01
CA GLU A 74 8.56 17.12 1.15
C GLU A 74 7.72 15.77 1.10
N SER A 75 7.71 15.27 -0.09
CA SER A 75 6.98 13.93 -0.31
C SER A 75 7.86 12.61 -0.25
N SER A 76 9.10 12.89 0.05
CA SER A 76 10.08 11.70 0.23
C SER A 76 9.77 10.77 1.49
N ILE A 77 10.12 9.55 1.35
CA ILE A 77 9.82 8.63 2.53
C ILE A 77 10.17 9.22 3.95
N GLU A 78 11.42 9.64 4.05
CA GLU A 78 11.79 10.35 5.36
C GLU A 78 10.91 11.64 5.75
N SER A 79 10.88 12.47 4.71
CA SER A 79 10.00 13.73 4.87
C SER A 79 8.48 13.42 5.24
N PHE A 80 8.00 12.45 4.49
CA PHE A 80 6.56 11.96 4.84
C PHE A 80 6.23 11.46 6.31
N PHE A 81 7.26 10.82 6.79
CA PHE A 81 7.23 10.37 8.27
C PHE A 81 8.04 11.15 9.38
N ALA A 82 8.86 12.03 8.79
CA ALA A 82 9.71 12.93 9.70
C ALA A 82 8.93 13.84 10.77
N ARG A 83 8.02 13.14 11.35
CA ARG A 83 7.12 13.82 12.38
C ARG A 83 6.70 12.95 13.65
N GLY A 84 6.95 13.53 14.76
CA GLY A 84 6.59 12.80 16.05
C GLY A 84 5.05 12.48 16.23
N ALA A 85 4.77 11.23 16.16
CA ALA A 85 3.32 10.78 16.33
C ALA A 85 2.89 9.97 17.63
N CYS A 86 1.85 10.47 18.21
CA CYS A 86 1.34 9.78 19.48
C CYS A 86 0.81 8.28 19.34
N VAL A 87 1.60 7.43 19.89
CA VAL A 87 1.21 5.95 19.85
C VAL A 87 0.53 5.33 21.14
N THR A 88 0.55 6.14 22.14
CA THR A 88 -0.09 5.70 23.46
C THR A 88 -0.09 6.69 24.69
N ILE A 89 -1.09 6.51 25.46
CA ILE A 89 -1.20 7.33 26.74
C ILE A 89 -1.21 6.49 28.08
N MET A 90 -0.06 6.49 28.67
CA MET A 90 0.07 5.70 29.96
C MET A 90 -0.35 6.43 31.27
N THR A 91 -1.18 5.73 31.98
CA THR A 91 -1.65 6.31 33.30
C THR A 91 -1.10 5.69 34.64
N VAL A 92 -0.40 6.51 35.29
CA VAL A 92 0.16 6.12 36.66
C VAL A 92 -0.25 7.10 37.85
N ASP A 93 0.00 6.64 38.98
CA ASP A 93 -0.35 7.51 40.18
C ASP A 93 0.39 7.28 41.53
N ASN A 94 0.17 8.18 42.32
CA ASN A 94 0.79 8.15 43.71
C ASN A 94 -0.15 8.55 44.93
N PRO A 95 -0.84 7.53 45.33
CA PRO A 95 -1.89 7.77 46.42
C PRO A 95 -1.41 8.08 47.89
N ALA A 96 -2.37 8.26 48.70
CA ALA A 96 -1.98 8.38 50.19
C ALA A 96 -1.62 6.95 50.86
N SER A 97 -0.53 6.94 51.53
CA SER A 97 -0.15 5.60 52.18
C SER A 97 -1.37 4.72 52.70
N THR A 98 -2.21 5.47 53.37
CA THR A 98 -3.47 4.82 53.92
C THR A 98 -4.46 4.09 52.93
N THR A 99 -4.67 4.79 51.81
CA THR A 99 -5.62 4.13 50.82
C THR A 99 -5.53 2.53 50.77
N ASN A 100 -6.65 1.99 50.72
CA ASN A 100 -6.69 0.47 50.56
C ASN A 100 -6.22 -0.13 49.17
N LYS A 101 -6.49 0.71 48.19
CA LYS A 101 -6.07 0.36 46.76
C LYS A 101 -4.54 0.57 46.44
N ASP A 102 -4.02 -0.31 45.70
CA ASP A 102 -2.55 -0.24 45.31
C ASP A 102 -2.02 1.00 44.50
N LYS A 103 -0.79 1.37 44.90
CA LYS A 103 -0.16 2.49 44.08
C LYS A 103 -0.08 2.13 42.53
N LEU A 104 -0.85 2.83 41.80
CA LEU A 104 -0.95 2.51 40.35
C LEU A 104 0.22 2.76 39.36
N PHE A 105 0.95 1.70 39.17
CA PHE A 105 2.04 1.76 38.09
C PHE A 105 1.81 1.13 36.64
N ALA A 106 2.04 1.93 35.69
CA ALA A 106 1.75 1.48 34.27
C ALA A 106 2.64 0.47 33.47
N VAL A 107 1.93 -0.42 32.86
CA VAL A 107 2.61 -1.45 31.96
C VAL A 107 2.05 -1.55 30.48
N TRP A 108 2.77 -0.92 29.63
CA TRP A 108 2.34 -0.88 28.18
C TRP A 108 3.12 -1.73 27.13
N LYS A 109 2.37 -2.60 26.53
CA LYS A 109 3.01 -3.44 25.44
C LYS A 109 3.35 -2.64 24.11
N ILE A 110 4.58 -2.29 24.03
CA ILE A 110 5.04 -1.48 22.84
C ILE A 110 4.51 -1.82 21.40
N THR A 111 3.94 -0.82 20.84
CA THR A 111 3.35 -0.97 19.42
C THR A 111 2.79 0.35 18.74
N TYR A 112 2.71 0.27 17.46
CA TYR A 112 2.12 1.44 16.69
C TYR A 112 0.59 1.30 16.29
N LYS A 113 0.07 0.23 16.82
CA LYS A 113 -1.39 -0.08 16.50
C LYS A 113 -2.51 0.35 17.51
N ASP A 114 -2.05 0.73 18.67
CA ASP A 114 -3.07 1.24 19.71
C ASP A 114 -3.83 2.56 19.25
N THR A 115 -3.10 3.23 18.43
CA THR A 115 -3.68 4.49 17.76
C THR A 115 -3.75 4.39 16.17
N VAL A 116 -4.60 5.13 15.61
CA VAL A 116 -4.79 5.02 14.10
C VAL A 116 -3.93 5.86 13.08
N GLN A 117 -3.76 7.08 13.42
CA GLN A 117 -2.97 8.00 12.47
C GLN A 117 -1.59 7.49 11.89
N LEU A 118 -0.67 7.33 12.80
CA LEU A 118 0.68 6.78 12.35
C LEU A 118 0.61 5.34 11.69
N ARG A 119 -0.22 4.57 12.35
CA ARG A 119 -0.46 3.16 11.80
C ARG A 119 -0.91 3.10 10.27
N ARG A 120 -1.88 3.97 10.04
CA ARG A 120 -2.35 4.09 8.58
C ARG A 120 -1.22 4.51 7.55
N LYS A 121 -0.44 5.43 8.07
CA LYS A 121 0.75 5.90 7.23
C LYS A 121 1.83 4.78 6.96
N LEU A 122 2.22 4.20 8.08
CA LEU A 122 3.18 3.02 7.95
C LEU A 122 2.60 1.86 7.05
N GLU A 123 1.30 1.72 7.27
CA GLU A 123 0.58 0.67 6.44
C GLU A 123 0.36 0.84 4.88
N PHE A 124 0.74 2.07 4.51
CA PHE A 124 0.82 2.28 2.96
C PHE A 124 1.87 1.35 2.20
N PHE A 125 2.54 0.71 3.17
CA PHE A 125 3.61 -0.33 2.79
C PHE A 125 3.76 -1.72 3.55
N THR A 126 4.03 -2.70 2.79
CA THR A 126 4.18 -4.09 3.42
C THR A 126 5.33 -4.31 4.48
N TYR A 127 6.50 -3.95 4.04
CA TYR A 127 7.69 -4.03 4.95
C TYR A 127 8.40 -2.63 5.23
N SER A 128 8.92 -2.55 6.39
CA SER A 128 9.68 -1.29 6.76
C SER A 128 10.98 -1.44 7.64
N ARG A 129 11.77 -0.49 7.50
CA ARG A 129 13.10 -0.47 8.27
C ARG A 129 13.56 0.93 8.84
N PHE A 130 13.69 0.93 10.10
CA PHE A 130 14.12 2.24 10.75
C PHE A 130 14.50 2.51 12.24
N ASP A 131 15.48 3.36 12.32
CA ASP A 131 15.87 3.79 13.74
C ASP A 131 14.68 4.57 14.45
N MET A 132 14.35 4.10 15.56
CA MET A 132 13.18 4.71 16.29
C MET A 132 13.45 5.77 17.39
N GLU A 133 12.88 6.91 17.13
CA GLU A 133 12.97 8.01 18.18
C GLU A 133 11.73 8.30 19.15
N LEU A 134 11.89 7.79 20.31
CA LEU A 134 10.78 7.95 21.33
C LEU A 134 10.83 9.20 22.27
N THR A 135 9.87 10.03 22.05
CA THR A 135 9.75 11.26 22.95
C THR A 135 8.56 11.26 24.00
N PHE A 136 8.98 11.35 25.21
CA PHE A 136 7.93 11.35 26.33
C PHE A 136 7.36 12.61 27.08
N VAL A 137 6.19 12.94 26.64
CA VAL A 137 5.49 14.12 27.30
C VAL A 137 4.63 13.82 28.60
N VAL A 138 5.21 14.19 29.67
CA VAL A 138 4.54 13.93 31.01
C VAL A 138 3.72 15.06 31.73
N THR A 139 2.47 14.77 31.84
CA THR A 139 1.56 15.75 32.58
C THR A 139 0.80 15.19 33.86
N ALA A 140 0.95 15.94 34.87
CA ALA A 140 0.26 15.55 36.18
C ALA A 140 -0.88 16.49 36.76
N ASN A 141 -1.67 15.92 37.56
CA ASN A 141 -2.75 16.72 38.23
C ASN A 141 -3.46 16.18 39.52
N PHE A 142 -3.90 17.13 40.24
CA PHE A 142 -4.71 16.70 41.46
C PHE A 142 -6.16 16.10 41.30
N THR A 143 -6.34 15.03 41.93
CA THR A 143 -7.69 14.33 41.79
C THR A 143 -8.83 14.65 42.83
N GLU A 144 -8.37 14.95 43.99
CA GLU A 144 -9.36 15.30 45.08
C GLU A 144 -9.62 16.78 45.58
N THR A 145 -10.92 17.05 45.63
CA THR A 145 -11.23 18.46 46.10
C THR A 145 -10.55 18.92 47.44
N ASN A 146 -9.48 18.20 47.64
CA ASN A 146 -8.54 18.57 48.75
C ASN A 146 -7.85 20.00 48.67
N ASN A 147 -6.92 20.13 49.45
CA ASN A 147 -6.05 21.37 49.46
C ASN A 147 -4.51 21.18 49.79
N GLY A 148 -4.31 19.94 50.21
CA GLY A 148 -2.86 19.57 50.51
C GLY A 148 -1.99 19.60 49.18
N HIS A 149 -0.75 19.72 49.37
CA HIS A 149 0.13 19.71 48.15
C HIS A 149 1.10 18.47 47.98
N ALA A 150 1.85 18.58 47.00
CA ALA A 150 2.86 17.48 46.70
C ALA A 150 4.24 17.92 46.05
N LEU A 151 5.24 17.45 46.65
CA LEU A 151 6.60 17.81 46.09
C LEU A 151 6.88 17.27 44.64
N ASN A 152 7.67 18.06 43.94
CA ASN A 152 7.96 17.60 42.54
C ASN A 152 8.30 16.09 42.22
N GLN A 153 7.38 15.54 41.50
CA GLN A 153 7.53 14.07 41.13
C GLN A 153 8.66 13.62 40.10
N VAL A 154 9.21 12.52 40.46
CA VAL A 154 10.24 11.89 39.52
C VAL A 154 9.86 10.47 38.92
N TYR A 155 9.52 10.52 37.69
CA TYR A 155 9.11 9.24 37.01
C TYR A 155 10.27 8.27 36.51
N GLN A 156 9.95 7.03 36.66
CA GLN A 156 10.91 5.98 36.13
C GLN A 156 10.39 5.06 34.95
N ILE A 157 10.74 5.51 33.79
CA ILE A 157 10.33 4.70 32.57
C ILE A 157 11.29 3.51 32.18
N MET A 158 10.93 2.38 32.70
CA MET A 158 11.77 1.16 32.43
C MET A 158 11.37 0.26 31.22
N TYR A 159 12.36 0.05 30.40
CA TYR A 159 12.14 -0.85 29.21
C TYR A 159 12.37 -2.39 29.48
N VAL A 160 11.28 -3.06 29.56
CA VAL A 160 11.36 -4.55 29.82
C VAL A 160 11.23 -5.55 28.59
N PRO A 161 12.39 -5.80 28.06
CA PRO A 161 12.39 -6.77 26.86
C PRO A 161 11.84 -8.23 27.07
N PRO A 162 11.23 -8.70 26.04
CA PRO A 162 10.69 -10.13 26.18
C PRO A 162 11.62 -11.22 26.85
N GLY A 163 11.17 -11.64 27.97
CA GLY A 163 11.99 -12.65 28.78
C GLY A 163 12.38 -12.14 30.23
N ALA A 164 12.56 -10.85 30.25
CA ALA A 164 12.90 -10.20 31.60
C ALA A 164 11.75 -10.01 32.67
N PRO A 165 12.15 -10.21 33.87
CA PRO A 165 11.12 -10.08 35.00
C PRO A 165 10.17 -8.81 35.03
N VAL A 166 9.02 -9.03 34.49
CA VAL A 166 8.01 -7.89 34.50
C VAL A 166 7.46 -7.44 35.93
N PRO A 167 7.69 -6.22 36.18
CA PRO A 167 7.23 -5.68 37.55
C PRO A 167 5.76 -5.97 38.04
N GLU A 168 5.72 -6.42 39.23
CA GLU A 168 4.36 -6.68 39.89
C GLU A 168 3.85 -5.65 41.00
N LYS A 169 4.82 -4.85 41.33
CA LYS A 169 4.59 -3.77 42.36
C LYS A 169 5.36 -2.41 42.09
N TRP A 170 4.64 -1.36 42.23
CA TRP A 170 5.33 -0.02 42.02
C TRP A 170 6.76 0.12 42.64
N ASP A 171 7.00 -0.82 43.53
CA ASP A 171 8.35 -0.82 44.25
C ASP A 171 9.10 -2.19 44.48
N ASP A 172 8.81 -3.11 43.63
CA ASP A 172 9.52 -4.46 43.75
C ASP A 172 10.99 -4.53 43.16
N TYR A 173 11.65 -5.60 43.46
CA TYR A 173 13.07 -5.75 43.00
C TYR A 173 13.43 -5.41 41.49
N THR A 174 12.48 -5.69 40.65
CA THR A 174 12.73 -5.39 39.18
C THR A 174 13.15 -3.91 38.78
N TRP A 175 12.59 -3.01 39.53
CA TRP A 175 12.94 -1.55 39.27
C TRP A 175 14.45 -1.15 39.41
N GLN A 176 15.16 -2.13 39.93
CA GLN A 176 16.68 -1.94 40.04
C GLN A 176 17.41 -1.70 38.64
N THR A 177 16.67 -2.18 37.66
CA THR A 177 17.21 -2.10 36.23
C THR A 177 18.75 -2.34 35.99
N SER A 178 19.23 -3.25 36.77
CA SER A 178 20.72 -3.60 36.58
C SER A 178 21.21 -3.75 35.06
N SER A 179 20.33 -4.39 34.36
CA SER A 179 20.60 -4.61 32.86
C SER A 179 19.64 -3.85 31.84
N ASN A 180 18.39 -3.90 32.23
CA ASN A 180 17.38 -3.12 31.39
C ASN A 180 17.52 -1.53 31.32
N PRO A 181 17.26 -1.04 30.19
CA PRO A 181 17.36 0.49 30.06
C PRO A 181 16.20 1.37 30.70
N SER A 182 16.59 2.08 31.66
CA SER A 182 15.58 3.00 32.35
C SER A 182 15.80 4.56 32.23
N ILE A 183 14.71 5.19 31.98
CA ILE A 183 14.78 6.70 31.92
C ILE A 183 14.16 7.46 33.16
N PHE A 184 15.06 7.95 33.93
CA PHE A 184 14.53 8.79 35.11
C PHE A 184 14.10 10.30 34.97
N TYR A 185 12.89 10.39 34.47
CA TYR A 185 12.33 11.74 34.17
C TYR A 185 11.84 12.66 35.35
N THR A 186 12.34 13.85 35.28
CA THR A 186 11.92 14.88 36.33
C THR A 186 10.79 15.91 35.91
N TYR A 187 9.67 15.72 36.52
CA TYR A 187 8.51 16.62 36.21
C TYR A 187 8.83 18.17 36.03
N GLY A 188 8.20 18.71 35.06
CA GLY A 188 8.44 20.20 34.78
C GLY A 188 9.66 20.48 33.80
N THR A 189 10.40 19.44 33.64
CA THR A 189 11.59 19.55 32.68
C THR A 189 11.35 19.11 31.18
N ALA A 190 12.10 19.71 30.33
CA ALA A 190 11.93 19.32 28.86
C ALA A 190 11.62 17.79 28.55
N PRO A 191 10.49 17.62 27.93
CA PRO A 191 10.09 16.17 27.63
C PRO A 191 11.22 15.13 27.25
N ALA A 192 11.23 14.12 28.08
CA ALA A 192 12.26 13.01 27.83
C ALA A 192 12.39 12.41 26.37
N ARG A 193 13.58 12.11 26.06
CA ARG A 193 13.84 11.54 24.67
C ARG A 193 15.05 10.55 24.46
N ILE A 194 14.72 9.47 23.87
CA ILE A 194 15.78 8.45 23.54
C ILE A 194 15.68 7.77 22.11
N SER A 195 16.81 7.45 21.66
CA SER A 195 16.87 6.74 20.30
C SER A 195 17.08 5.16 20.34
N VAL A 196 16.42 4.56 19.47
CA VAL A 196 16.53 3.04 19.37
C VAL A 196 16.79 2.45 17.92
N PRO A 197 17.83 1.71 17.86
CA PRO A 197 18.18 1.10 16.50
C PRO A 197 17.12 0.14 15.82
N TYR A 198 17.45 -0.25 14.63
CA TYR A 198 16.53 -1.29 14.01
C TYR A 198 16.63 -2.70 14.74
N VAL A 199 15.82 -2.80 15.73
CA VAL A 199 15.86 -4.06 16.59
C VAL A 199 15.09 -5.37 16.16
N GLY A 200 14.63 -5.34 14.98
CA GLY A 200 13.86 -6.55 14.46
C GLY A 200 14.70 -7.88 14.28
N ILE A 201 14.06 -8.94 14.72
CA ILE A 201 14.75 -10.30 14.53
C ILE A 201 14.75 -10.77 13.02
N SER A 202 14.11 -9.91 12.29
CA SER A 202 14.06 -10.09 10.77
C SER A 202 14.85 -8.94 9.96
N ASN A 203 15.11 -9.23 8.76
CA ASN A 203 15.81 -8.14 7.94
C ASN A 203 15.01 -6.81 7.65
N ALA A 204 13.82 -6.91 8.15
CA ALA A 204 12.83 -5.73 8.05
C ALA A 204 11.42 -5.91 8.80
N TYR A 205 11.02 -4.85 9.42
CA TYR A 205 9.68 -4.93 10.11
C TYR A 205 8.48 -5.37 9.16
N SER A 206 7.77 -6.29 9.64
CA SER A 206 6.57 -6.77 8.83
C SER A 206 5.13 -6.15 9.18
N HIS A 207 4.89 -5.08 8.47
CA HIS A 207 3.49 -4.45 8.70
C HIS A 207 2.29 -5.48 8.52
N PHE A 208 2.70 -6.47 7.79
CA PHE A 208 1.76 -7.67 7.55
C PHE A 208 2.29 -9.16 7.38
N TYR A 209 1.76 -9.99 8.17
CA TYR A 209 2.20 -11.43 8.14
C TYR A 209 1.11 -12.50 7.76
N ASP A 210 1.01 -12.66 6.46
CA ASP A 210 -0.02 -13.66 5.96
C ASP A 210 0.22 -15.18 6.36
N GLY A 211 0.25 -15.33 7.65
CA GLY A 211 0.46 -16.74 8.20
C GLY A 211 0.38 -16.87 9.78
N PHE A 212 0.81 -17.98 10.19
CA PHE A 212 0.85 -18.28 11.69
C PHE A 212 2.16 -18.68 12.48
N SER A 213 2.12 -18.44 13.72
CA SER A 213 3.34 -18.84 14.58
C SER A 213 3.49 -20.40 14.89
N LYS A 214 2.44 -21.05 14.50
CA LYS A 214 2.37 -22.54 14.73
C LYS A 214 1.77 -23.44 13.57
N VAL A 215 2.34 -24.58 13.49
CA VAL A 215 1.80 -25.58 12.49
C VAL A 215 0.92 -26.77 13.06
N PRO A 216 -0.34 -26.55 12.93
CA PRO A 216 -1.28 -27.65 13.43
C PRO A 216 -1.04 -29.13 12.93
N LEU A 217 -0.37 -29.86 13.75
CA LEU A 217 -0.06 -31.29 13.37
C LEU A 217 -1.17 -32.36 13.65
N LYS A 218 -1.66 -32.90 12.55
CA LYS A 218 -2.72 -33.99 12.73
C LYS A 218 -2.50 -34.86 14.04
N ASP A 219 -1.50 -35.66 13.82
CA ASP A 219 -1.03 -36.59 14.96
C ASP A 219 -1.06 -35.98 16.41
N GLN A 220 -1.27 -34.70 16.39
CA GLN A 220 -1.33 -33.92 17.71
C GLN A 220 -2.62 -33.08 18.05
N SER A 221 -3.07 -33.31 19.23
CA SER A 221 -4.34 -32.58 19.71
C SER A 221 -4.66 -31.13 19.15
N ALA A 222 -5.80 -31.09 18.52
CA ALA A 222 -6.24 -29.72 17.96
C ALA A 222 -5.82 -28.39 18.73
N ALA A 223 -6.33 -28.34 19.93
CA ALA A 223 -5.96 -27.14 20.81
C ALA A 223 -4.43 -26.73 20.93
N LEU A 224 -3.65 -27.78 20.85
CA LEU A 224 -2.15 -27.57 20.91
C LEU A 224 -1.49 -26.81 19.70
N GLY A 225 -1.87 -27.30 18.55
CA GLY A 225 -1.33 -26.66 17.28
C GLY A 225 -2.00 -25.29 16.87
N ASP A 226 -2.90 -24.90 17.71
CA ASP A 226 -3.64 -23.59 17.43
C ASP A 226 -2.89 -22.23 17.73
N SER A 227 -3.18 -21.33 16.89
CA SER A 227 -2.57 -19.93 17.03
C SER A 227 -3.28 -18.76 16.24
N LEU A 228 -3.04 -17.60 16.71
CA LEU A 228 -3.66 -16.40 16.03
C LEU A 228 -3.24 -16.09 14.55
N TYR A 229 -4.26 -15.83 13.77
CA TYR A 229 -3.97 -15.47 12.33
C TYR A 229 -3.23 -14.09 12.11
N GLY A 230 -2.22 -14.16 11.33
CA GLY A 230 -1.42 -12.89 11.06
C GLY A 230 -0.46 -12.43 12.25
N ALA A 231 -0.52 -13.24 13.24
CA ALA A 231 0.36 -12.97 14.47
C ALA A 231 1.70 -13.80 14.69
N ALA A 232 2.77 -13.06 14.52
CA ALA A 232 4.13 -13.77 14.68
C ALA A 232 4.64 -14.01 16.17
N SER A 233 5.67 -13.33 16.47
CA SER A 233 6.17 -13.42 17.93
C SER A 233 5.14 -12.93 19.05
N LEU A 234 4.55 -13.91 19.71
CA LEU A 234 3.57 -13.50 20.80
C LEU A 234 3.97 -12.16 21.54
N ASN A 235 5.27 -12.04 21.58
CA ASN A 235 5.88 -10.79 22.19
C ASN A 235 6.95 -9.93 21.41
N ASP A 236 6.51 -9.57 20.23
CA ASP A 236 7.43 -8.73 19.35
C ASP A 236 8.61 -7.97 20.08
N PHE A 237 8.22 -6.91 20.63
CA PHE A 237 9.24 -6.02 21.37
C PHE A 237 9.25 -5.68 22.90
N GLY A 238 8.67 -6.60 23.62
CA GLY A 238 8.57 -6.38 25.12
C GLY A 238 7.61 -5.19 25.55
N ILE A 239 7.85 -4.72 26.70
CA ILE A 239 6.98 -3.61 27.23
C ILE A 239 7.62 -2.40 27.99
N LEU A 240 6.85 -1.36 27.99
CA LEU A 240 7.28 -0.13 28.76
C LEU A 240 6.63 0.00 30.20
N ALA A 241 7.42 -0.32 31.14
CA ALA A 241 6.91 -0.20 32.58
C ALA A 241 7.19 1.15 33.38
N VAL A 242 6.16 1.92 33.39
CA VAL A 242 6.29 3.26 34.09
C VAL A 242 5.71 3.44 35.55
N ARG A 243 6.48 4.09 36.34
CA ARG A 243 6.05 4.38 37.78
C ARG A 243 6.53 5.76 38.39
N VAL A 244 5.83 6.11 39.37
CA VAL A 244 6.28 7.35 40.14
C VAL A 244 7.24 7.00 41.37
N VAL A 245 8.47 7.26 41.11
CA VAL A 245 9.50 6.90 42.18
C VAL A 245 9.25 7.42 43.64
N ASN A 246 8.70 8.58 43.63
CA ASN A 246 8.32 9.16 44.97
C ASN A 246 7.33 8.36 45.94
N ASP A 247 7.71 8.35 47.15
CA ASP A 247 6.84 7.61 48.17
C ASP A 247 5.35 8.15 48.32
N HIS A 248 4.52 7.25 48.70
CA HIS A 248 3.07 7.68 48.91
C HIS A 248 2.85 9.08 49.62
N ASN A 249 2.17 9.90 48.92
CA ASN A 249 1.84 11.27 49.48
C ASN A 249 0.39 11.59 50.02
N PRO A 250 0.37 11.99 51.26
CA PRO A 250 -1.01 12.30 51.85
C PRO A 250 -2.16 12.72 50.84
N THR A 251 -1.75 13.63 50.03
CA THR A 251 -2.67 14.09 48.90
C THR A 251 -2.41 13.37 47.49
N LYS A 252 -3.38 12.66 47.08
CA LYS A 252 -3.21 11.90 45.79
C LYS A 252 -3.03 12.70 44.44
N VAL A 253 -1.99 12.33 43.79
CA VAL A 253 -1.69 12.97 42.44
C VAL A 253 -1.58 12.02 41.18
N THR A 254 -2.54 12.20 40.34
CA THR A 254 -2.54 11.36 39.07
C THR A 254 -1.76 11.92 37.81
N SER A 255 -0.92 11.09 37.35
CA SER A 255 -0.10 11.50 36.12
C SER A 255 -0.28 10.69 34.78
N LYS A 256 -0.12 11.40 33.75
CA LYS A 256 -0.24 10.74 32.40
C LYS A 256 1.00 10.87 31.44
N ILE A 257 1.40 9.74 31.00
CA ILE A 257 2.59 9.72 30.06
C ILE A 257 2.31 9.47 28.54
N ARG A 258 2.32 10.58 27.87
CA ARG A 258 2.10 10.50 26.36
C ARG A 258 3.38 10.16 25.48
N VAL A 259 3.30 9.01 24.93
CA VAL A 259 4.48 8.54 24.08
C VAL A 259 4.49 8.86 22.53
N TYR A 260 5.36 9.76 22.21
CA TYR A 260 5.51 10.15 20.77
C TYR A 260 6.59 9.36 19.94
N LEU A 261 6.08 8.66 19.00
CA LEU A 261 6.98 7.82 18.12
C LEU A 261 7.34 8.37 16.70
N LYS A 262 8.61 8.54 16.52
CA LYS A 262 9.09 9.02 15.18
C LYS A 262 10.13 8.13 14.41
N PRO A 263 9.65 7.61 13.35
CA PRO A 263 10.58 6.75 12.48
C PRO A 263 11.72 7.47 11.64
N LYS A 264 12.90 7.38 12.17
CA LYS A 264 14.05 8.02 11.42
C LYS A 264 15.04 7.06 10.65
N HIS A 265 15.72 7.68 9.73
CA HIS A 265 16.64 6.80 8.85
C HIS A 265 15.85 5.57 8.22
N ILE A 266 14.65 5.94 7.86
CA ILE A 266 13.67 4.92 7.36
C ILE A 266 13.63 4.48 5.86
N ARG A 267 13.38 3.22 5.76
CA ARG A 267 13.20 2.56 4.38
C ARG A 267 11.89 1.65 4.24
N VAL A 268 11.29 1.81 3.15
CA VAL A 268 10.04 0.99 2.91
C VAL A 268 9.89 0.17 1.57
N TRP A 269 9.30 -0.94 1.72
CA TRP A 269 9.09 -1.85 0.52
C TRP A 269 7.63 -2.27 0.16
N CYS A 270 7.50 -2.68 -1.05
CA CYS A 270 6.12 -3.16 -1.52
C CYS A 270 4.84 -2.33 -1.08
N PRO A 271 4.64 -1.31 -1.85
CA PRO A 271 3.43 -0.41 -1.56
C PRO A 271 1.99 -1.06 -1.51
N ARG A 272 1.21 -0.49 -0.70
CA ARG A 272 -0.24 -0.97 -0.58
C ARG A 272 -1.36 0.17 -0.50
N PRO A 273 -2.49 -0.25 -0.95
CA PRO A 273 -3.67 0.72 -0.79
C PRO A 273 -4.08 1.10 0.70
N PRO A 274 -4.03 2.35 0.92
CA PRO A 274 -4.39 2.82 2.34
C PRO A 274 -5.70 2.25 3.03
N ARG A 275 -5.58 2.09 4.28
CA ARG A 275 -6.82 1.59 5.05
C ARG A 275 -8.15 2.43 4.81
N ALA A 276 -8.95 1.86 3.96
CA ALA A 276 -10.27 2.57 3.62
C ALA A 276 -11.47 2.59 4.66
N VAL A 277 -11.38 1.66 5.53
CA VAL A 277 -12.44 1.55 6.62
C VAL A 277 -11.95 1.38 8.12
N ALA A 278 -12.70 1.97 8.97
CA ALA A 278 -12.32 1.89 10.44
C ALA A 278 -11.53 0.63 10.99
N TYR A 279 -10.37 0.94 11.50
CA TYR A 279 -9.56 -0.17 12.11
C TYR A 279 -10.35 -1.03 13.19
N TYR A 280 -10.18 -2.26 13.10
CA TYR A 280 -10.85 -3.19 14.10
C TYR A 280 -9.90 -4.30 14.71
N GLY A 281 -9.11 -3.80 15.60
CA GLY A 281 -8.07 -4.71 16.24
C GLY A 281 -6.64 -4.63 15.55
N PRO A 282 -5.76 -5.35 16.10
CA PRO A 282 -4.33 -5.37 15.52
C PRO A 282 -4.13 -5.95 14.06
N GLY A 283 -5.16 -6.62 13.66
CA GLY A 283 -5.14 -7.24 12.26
C GLY A 283 -5.95 -6.44 11.16
N VAL A 284 -6.02 -7.06 10.05
CA VAL A 284 -6.81 -6.40 8.90
C VAL A 284 -8.38 -6.47 8.99
N ASP A 285 -8.77 -7.13 10.04
CA ASP A 285 -10.26 -7.29 10.29
C ASP A 285 -11.18 -6.01 10.30
N TYR A 286 -12.20 -6.13 9.51
CA TYR A 286 -13.23 -5.04 9.52
C TYR A 286 -14.56 -5.43 10.29
N LYS A 287 -15.20 -4.45 10.71
CA LYS A 287 -16.47 -4.72 11.48
C LYS A 287 -17.81 -4.16 10.90
N ASP A 288 -18.77 -5.02 10.98
CA ASP A 288 -20.14 -4.60 10.46
C ASP A 288 -20.62 -3.13 10.82
N GLY A 289 -21.18 -2.53 9.85
CA GLY A 289 -21.67 -1.09 10.05
C GLY A 289 -20.61 0.03 9.68
N THR A 290 -19.44 -0.44 9.44
CA THR A 290 -18.30 0.50 9.03
C THR A 290 -17.75 0.35 7.55
N LEU A 291 -18.39 -0.56 6.89
CA LEU A 291 -17.97 -0.89 5.47
C LEU A 291 -18.45 0.00 4.28
N THR A 292 -19.07 1.07 4.64
CA THR A 292 -19.56 2.04 3.56
C THR A 292 -18.95 3.50 3.53
N PRO A 293 -17.66 3.49 3.43
CA PRO A 293 -16.90 4.82 3.37
C PRO A 293 -17.37 5.95 2.37
N LEU A 294 -17.40 5.54 1.14
CA LEU A 294 -17.83 6.51 0.06
C LEU A 294 -19.29 7.09 0.15
N SER A 295 -19.34 8.33 -0.20
CA SER A 295 -20.69 9.05 -0.19
C SER A 295 -21.46 9.19 -1.57
N THR A 296 -22.71 9.41 -1.43
CA THR A 296 -23.55 9.58 -2.69
C THR A 296 -23.18 10.79 -3.66
N LYS A 297 -22.93 10.40 -4.84
CA LYS A 297 -22.59 11.42 -5.92
C LYS A 297 -22.84 10.94 -7.41
N ASP A 298 -23.79 11.57 -7.98
CA ASP A 298 -24.21 11.18 -9.38
C ASP A 298 -23.20 11.20 -10.57
N LEU A 299 -23.30 10.11 -11.30
CA LEU A 299 -22.40 9.96 -12.52
C LEU A 299 -22.19 11.23 -13.42
N THR A 300 -23.30 11.89 -13.64
CA THR A 300 -23.25 13.15 -14.49
C THR A 300 -23.33 14.56 -13.77
N THR A 301 -22.99 14.50 -12.54
CA THR A 301 -22.97 15.79 -11.70
C THR A 301 -21.54 16.30 -11.22
N TYR A 302 -21.22 17.45 -11.68
CA TYR A 302 -19.89 18.05 -11.29
C TYR A 302 -19.59 18.16 -9.75
N GLU B 5 9.10 -7.99 -34.58
CA GLU B 5 9.84 -8.56 -35.84
C GLU B 5 9.19 -8.64 -37.28
N ALA B 6 9.73 -7.79 -38.13
CA ALA B 6 9.22 -7.96 -39.59
C ALA B 6 9.18 -9.51 -40.02
N CYS B 7 10.01 -10.15 -39.18
CA CYS B 7 10.10 -11.69 -39.30
C CYS B 7 8.83 -12.49 -38.77
N GLY B 8 8.07 -11.73 -38.01
CA GLY B 8 6.79 -12.35 -37.44
C GLY B 8 6.49 -12.14 -35.90
N TYR B 9 7.53 -12.23 -35.14
CA TYR B 9 7.40 -12.08 -33.64
C TYR B 9 6.42 -10.99 -33.06
N SER B 10 5.75 -11.41 -32.01
CA SER B 10 4.75 -10.45 -31.36
C SER B 10 4.36 -10.56 -29.83
N ASP B 11 4.10 -9.40 -29.32
CA ASP B 11 3.64 -9.30 -27.85
C ASP B 11 2.49 -10.29 -27.40
N ARG B 12 1.58 -10.42 -28.31
CA ARG B 12 0.39 -11.34 -28.04
C ARG B 12 0.65 -12.91 -28.05
N VAL B 13 1.64 -13.22 -28.81
CA VAL B 13 2.03 -14.69 -28.93
C VAL B 13 3.33 -15.18 -28.19
N LEU B 14 3.08 -15.85 -27.12
CA LEU B 14 4.24 -16.37 -26.32
C LEU B 14 4.35 -17.92 -26.08
N GLN B 15 5.56 -18.27 -25.82
CA GLN B 15 5.83 -19.72 -25.44
C GLN B 15 6.75 -19.95 -24.15
N LEU B 16 6.06 -20.27 -23.13
CA LEU B 16 6.81 -20.54 -21.84
C LEU B 16 7.21 -22.04 -21.55
N THR B 17 8.45 -22.19 -21.33
CA THR B 17 8.95 -23.60 -21.01
C THR B 17 9.78 -23.84 -19.70
N LEU B 18 9.16 -24.59 -18.88
CA LEU B 18 9.82 -24.98 -17.55
C LEU B 18 9.85 -26.53 -17.29
N GLY B 19 11.04 -27.00 -17.15
CA GLY B 19 11.19 -28.52 -16.99
C GLY B 19 10.50 -29.31 -18.18
N ASN B 20 9.76 -30.29 -17.82
CA ASN B 20 9.00 -31.05 -18.88
C ASN B 20 7.61 -30.48 -19.41
N SER B 21 7.41 -29.28 -18.94
CA SER B 21 6.12 -28.56 -19.33
C SER B 21 6.23 -27.21 -20.18
N THR B 22 5.42 -27.21 -21.17
CA THR B 22 5.37 -25.97 -22.07
C THR B 22 3.97 -25.31 -22.34
N ILE B 23 3.94 -24.07 -22.06
CA ILE B 23 2.67 -23.29 -22.31
C ILE B 23 2.69 -22.29 -23.54
N THR B 24 1.73 -22.50 -24.35
CA THR B 24 1.60 -21.56 -25.54
C THR B 24 0.33 -20.60 -25.53
N THR B 25 0.57 -19.47 -26.02
CA THR B 25 -0.58 -18.45 -26.10
C THR B 25 -0.56 -17.44 -27.31
N GLN B 26 -1.58 -17.55 -28.05
CA GLN B 26 -1.70 -16.62 -29.27
C GLN B 26 -2.41 -15.22 -29.04
N GLU B 27 -2.96 -15.16 -27.87
CA GLU B 27 -3.66 -13.87 -27.46
C GLU B 27 -3.34 -13.14 -26.09
N ALA B 28 -2.08 -13.03 -25.91
CA ALA B 28 -1.59 -12.33 -24.64
C ALA B 28 -1.27 -10.77 -24.64
N ALA B 29 -1.60 -10.21 -23.55
CA ALA B 29 -1.23 -8.72 -23.37
C ALA B 29 0.21 -8.47 -22.72
N ASN B 30 1.13 -9.12 -23.43
CA ASN B 30 2.53 -9.14 -22.82
C ASN B 30 2.64 -9.90 -21.42
N SER B 31 3.68 -9.73 -20.81
CA SER B 31 3.83 -10.37 -19.42
C SER B 31 4.48 -9.46 -18.29
N VAL B 32 3.96 -9.66 -17.15
CA VAL B 32 4.48 -8.83 -15.99
C VAL B 32 5.49 -9.46 -14.96
N VAL B 33 6.52 -8.73 -14.79
CA VAL B 33 7.55 -9.18 -13.75
C VAL B 33 7.58 -8.37 -12.39
N ALA B 34 6.75 -8.87 -11.52
CA ALA B 34 6.65 -8.16 -10.15
C ALA B 34 7.85 -7.27 -9.65
N TYR B 35 7.51 -6.03 -9.45
CA TYR B 35 8.59 -5.07 -8.99
C TYR B 35 9.92 -5.07 -9.87
N GLY B 36 9.72 -5.52 -11.08
CA GLY B 36 10.91 -5.61 -12.03
C GLY B 36 12.02 -6.63 -11.58
N ARG B 37 11.58 -7.45 -10.67
CA ARG B 37 12.54 -8.51 -10.12
C ARG B 37 12.30 -10.03 -10.49
N TRP B 38 13.14 -10.46 -11.34
CA TRP B 38 13.07 -11.93 -11.76
C TRP B 38 13.57 -12.97 -10.69
N PRO B 39 12.69 -13.87 -10.41
CA PRO B 39 13.10 -14.93 -9.36
C PRO B 39 14.60 -15.43 -9.36
N GLU B 40 15.09 -15.49 -8.20
CA GLU B 40 16.54 -15.95 -8.01
C GLU B 40 16.94 -16.79 -6.71
N TYR B 41 17.93 -17.57 -6.87
CA TYR B 41 18.40 -18.35 -5.68
C TYR B 41 19.02 -17.45 -4.50
N LEU B 42 18.94 -17.99 -3.35
CA LEU B 42 19.52 -17.23 -2.18
C LEU B 42 21.07 -17.00 -2.19
N ARG B 43 21.41 -15.77 -2.36
CA ARG B 43 22.89 -15.40 -2.36
C ARG B 43 23.70 -15.66 -1.00
N ASP B 44 24.92 -15.97 -1.20
CA ASP B 44 25.79 -16.16 0.06
C ASP B 44 25.80 -14.93 1.06
N SER B 45 25.93 -13.80 0.42
CA SER B 45 25.88 -12.49 1.25
C SER B 45 24.55 -12.26 2.09
N GLU B 46 23.53 -12.79 1.50
CA GLU B 46 22.17 -12.74 2.18
C GLU B 46 21.59 -14.03 2.92
N ALA B 47 22.38 -15.05 2.72
CA ALA B 47 22.00 -16.36 3.37
C ALA B 47 21.97 -16.47 4.96
N ASN B 48 21.07 -17.25 5.40
CA ASN B 48 20.95 -17.50 6.89
C ASN B 48 21.24 -18.94 7.46
N PRO B 49 20.36 -19.82 7.03
CA PRO B 49 20.61 -21.29 7.41
C PRO B 49 21.92 -21.97 6.81
N VAL B 50 22.81 -22.25 7.69
CA VAL B 50 24.15 -22.81 7.23
C VAL B 50 24.27 -24.18 6.48
N ASP B 51 23.23 -24.93 6.58
CA ASP B 51 23.25 -26.29 5.88
C ASP B 51 23.04 -26.32 4.32
N GLN B 52 23.80 -27.22 3.74
CA GLN B 52 23.63 -27.41 2.23
C GLN B 52 22.12 -27.52 1.74
N PRO B 53 21.71 -26.50 1.11
CA PRO B 53 20.26 -26.49 0.63
C PRO B 53 19.79 -27.57 -0.43
N THR B 54 18.54 -27.85 -0.31
CA THR B 54 17.95 -28.80 -1.35
C THR B 54 17.22 -28.10 -2.58
N GLU B 55 17.91 -28.17 -3.64
CA GLU B 55 17.34 -27.56 -4.91
C GLU B 55 16.73 -28.50 -6.04
N PRO B 56 15.51 -28.82 -5.75
CA PRO B 56 14.78 -29.78 -6.71
C PRO B 56 14.86 -29.54 -8.26
N ASP B 57 15.13 -28.30 -8.53
CA ASP B 57 15.21 -27.90 -10.02
C ASP B 57 13.98 -28.35 -10.91
N VAL B 58 14.31 -28.98 -11.99
CA VAL B 58 13.18 -29.46 -12.89
C VAL B 58 12.03 -30.33 -12.26
N ALA B 59 12.45 -31.08 -11.28
CA ALA B 59 11.41 -31.93 -10.52
C ALA B 59 10.20 -31.14 -9.84
N ALA B 60 10.60 -29.99 -9.41
CA ALA B 60 9.56 -29.02 -8.78
C ALA B 60 9.32 -27.64 -9.55
N CYS B 61 10.44 -27.20 -10.07
CA CYS B 61 10.37 -25.91 -10.91
C CYS B 61 9.74 -26.07 -12.35
N ARG B 62 8.55 -26.54 -12.27
CA ARG B 62 7.71 -26.78 -13.53
C ARG B 62 6.19 -26.33 -13.41
N PHE B 63 5.52 -26.45 -14.48
CA PHE B 63 4.04 -26.06 -14.42
C PHE B 63 2.84 -26.95 -13.93
N TYR B 64 2.42 -26.63 -12.75
CA TYR B 64 1.23 -27.35 -12.17
C TYR B 64 -0.18 -26.67 -12.44
N THR B 65 -1.00 -27.43 -13.05
CA THR B 65 -2.39 -26.88 -13.33
C THR B 65 -3.52 -27.22 -12.27
N LEU B 66 -3.85 -26.20 -11.54
CA LEU B 66 -4.92 -26.39 -10.49
C LEU B 66 -6.39 -26.62 -11.03
N ASP B 67 -7.19 -27.01 -10.12
CA ASP B 67 -8.66 -27.25 -10.51
C ASP B 67 -9.41 -26.03 -11.19
N THR B 68 -9.78 -26.30 -12.38
CA THR B 68 -10.52 -25.22 -13.16
C THR B 68 -11.91 -24.69 -12.60
N VAL B 69 -11.87 -23.44 -12.28
CA VAL B 69 -13.16 -22.79 -11.78
C VAL B 69 -14.09 -22.11 -12.87
N SER B 70 -15.31 -22.00 -12.51
CA SER B 70 -16.30 -21.38 -13.50
C SER B 70 -16.77 -19.88 -13.30
N TRP B 71 -16.44 -19.13 -14.29
CA TRP B 71 -16.85 -17.67 -14.28
C TRP B 71 -18.28 -17.32 -14.83
N THR B 72 -19.05 -16.79 -13.96
CA THR B 72 -20.48 -16.41 -14.35
C THR B 72 -21.02 -14.99 -13.90
N LYS B 73 -22.07 -14.64 -14.58
CA LYS B 73 -22.71 -13.30 -14.18
C LYS B 73 -22.75 -13.05 -12.62
N GLU B 74 -22.96 -14.16 -11.96
CA GLU B 74 -22.98 -14.12 -10.44
C GLU B 74 -21.62 -14.04 -9.60
N SER B 75 -20.64 -14.58 -10.24
CA SER B 75 -19.27 -14.58 -9.57
C SER B 75 -18.71 -13.22 -8.98
N ARG B 76 -18.43 -13.30 -7.73
CA ARG B 76 -17.82 -12.08 -7.04
C ARG B 76 -16.23 -12.01 -7.02
N GLY B 77 -15.72 -13.18 -7.32
CA GLY B 77 -14.21 -13.30 -7.37
C GLY B 77 -13.58 -14.55 -6.65
N TRP B 78 -12.38 -14.79 -7.04
CA TRP B 78 -11.60 -15.95 -6.43
C TRP B 78 -10.19 -15.62 -5.83
N TRP B 79 -9.87 -16.35 -4.82
CA TRP B 79 -8.51 -16.16 -4.21
C TRP B 79 -7.67 -17.41 -3.83
N TRP B 80 -6.43 -17.23 -4.03
CA TRP B 80 -5.42 -18.33 -3.69
C TRP B 80 -4.14 -17.82 -2.93
N LYS B 81 -3.55 -18.70 -2.25
CA LYS B 81 -2.28 -18.34 -1.53
C LYS B 81 -1.03 -19.25 -1.80
N LEU B 82 0.03 -18.60 -2.01
CA LEU B 82 1.34 -19.36 -2.26
C LEU B 82 2.35 -19.33 -1.06
N PRO B 83 2.89 -20.42 -0.75
CA PRO B 83 2.77 -21.70 -1.58
C PRO B 83 1.51 -22.59 -1.35
N ASP B 84 0.80 -22.27 -0.32
CA ASP B 84 -0.43 -23.12 0.01
C ASP B 84 -1.13 -23.88 -1.20
N ALA B 85 -1.48 -23.08 -2.16
CA ALA B 85 -2.13 -23.70 -3.42
C ALA B 85 -1.38 -24.91 -4.14
N LEU B 86 -0.09 -24.83 -4.01
CA LEU B 86 0.77 -25.93 -4.59
C LEU B 86 1.26 -27.04 -3.59
N ARG B 87 0.81 -26.84 -2.38
CA ARG B 87 1.20 -27.83 -1.27
C ARG B 87 1.07 -29.38 -1.58
N ASP B 88 0.13 -29.64 -2.41
CA ASP B 88 -0.10 -31.10 -2.83
C ASP B 88 0.36 -31.48 -4.30
N MET B 89 1.11 -30.55 -4.81
CA MET B 89 1.63 -30.74 -6.22
C MET B 89 2.98 -31.50 -6.41
N GLY B 90 2.82 -32.71 -6.82
CA GLY B 90 4.02 -33.61 -7.07
C GLY B 90 5.28 -33.39 -6.12
N LEU B 91 6.40 -33.44 -6.77
CA LEU B 91 7.69 -33.28 -5.99
C LEU B 91 7.92 -31.93 -5.23
N PHE B 92 7.26 -30.94 -5.77
CA PHE B 92 7.30 -29.59 -5.01
C PHE B 92 6.68 -29.50 -3.55
N GLY B 93 5.52 -30.15 -3.53
CA GLY B 93 4.82 -30.28 -2.17
C GLY B 93 5.60 -31.25 -1.19
N GLN B 94 6.03 -32.32 -1.84
CA GLN B 94 6.89 -33.32 -1.03
C GLN B 94 8.19 -32.68 -0.35
N ASN B 95 8.88 -31.98 -1.23
CA ASN B 95 10.08 -31.22 -0.69
C ASN B 95 9.80 -30.03 0.33
N MET B 96 8.63 -29.47 0.06
CA MET B 96 8.14 -28.37 0.99
C MET B 96 7.79 -28.88 2.44
N TYR B 97 7.17 -30.03 2.42
CA TYR B 97 6.80 -30.70 3.74
C TYR B 97 7.97 -31.42 4.52
N TYR B 98 8.89 -31.90 3.74
CA TYR B 98 10.09 -32.58 4.35
C TYR B 98 11.16 -31.61 5.02
N HIS B 99 11.01 -30.39 4.60
CA HIS B 99 11.94 -29.31 5.13
C HIS B 99 11.34 -28.20 6.08
N TYR B 100 12.10 -27.92 7.07
CA TYR B 100 11.69 -26.80 8.03
C TYR B 100 11.51 -25.40 7.32
N LEU B 101 12.53 -25.13 6.56
CA LEU B 101 12.52 -23.86 5.75
C LEU B 101 12.49 -24.02 4.18
N GLY B 102 11.94 -23.04 3.60
CA GLY B 102 11.85 -23.06 2.09
C GLY B 102 11.47 -21.69 1.42
N ARG B 103 12.13 -21.48 0.36
CA ARG B 103 11.84 -20.21 -0.45
C ARG B 103 11.61 -20.44 -2.00
N SER B 104 10.65 -19.73 -2.45
CA SER B 104 10.32 -19.90 -3.91
C SER B 104 9.57 -18.75 -4.69
N GLY B 105 10.05 -18.61 -5.86
CA GLY B 105 9.37 -17.62 -6.80
C GLY B 105 8.28 -18.37 -7.69
N TYR B 106 7.55 -17.65 -8.38
CA TYR B 106 6.51 -18.28 -9.24
C TYR B 106 6.19 -17.61 -10.64
N THR B 107 5.94 -18.48 -11.53
CA THR B 107 5.39 -17.97 -12.87
C THR B 107 3.83 -18.28 -13.02
N VAL B 108 3.11 -17.31 -12.56
CA VAL B 108 1.60 -17.49 -12.60
C VAL B 108 0.84 -17.20 -13.95
N HIS B 109 0.42 -18.27 -14.52
CA HIS B 109 -0.34 -18.16 -15.84
C HIS B 109 -1.88 -18.41 -15.82
N VAL B 110 -2.56 -17.32 -15.63
CA VAL B 110 -4.09 -17.43 -15.63
C VAL B 110 -4.82 -17.48 -17.03
N GLN B 111 -5.28 -18.66 -17.28
CA GLN B 111 -6.00 -18.89 -18.61
C GLN B 111 -7.57 -18.73 -18.66
N CYS B 112 -7.96 -17.88 -19.54
CA CYS B 112 -9.45 -17.64 -19.70
C CYS B 112 -9.99 -17.10 -21.09
N ASN B 113 -10.15 -18.05 -21.95
CA ASN B 113 -10.71 -17.68 -23.30
C ASN B 113 -12.27 -17.71 -23.57
N ALA B 114 -12.62 -16.96 -24.51
CA ALA B 114 -14.10 -16.88 -24.89
C ALA B 114 -14.47 -16.73 -26.43
N SER B 115 -14.92 -15.58 -26.69
CA SER B 115 -15.29 -15.23 -28.14
C SER B 115 -15.47 -13.69 -28.49
N LYS B 116 -15.21 -13.43 -29.70
CA LYS B 116 -15.36 -11.97 -30.14
C LYS B 116 -16.74 -11.31 -29.84
N PHE B 117 -17.63 -12.21 -29.55
CA PHE B 117 -19.02 -11.74 -29.07
C PHE B 117 -19.42 -11.71 -27.55
N HIS B 118 -18.39 -12.15 -26.83
CA HIS B 118 -18.47 -12.09 -25.32
C HIS B 118 -17.86 -10.77 -24.67
N GLN B 119 -18.35 -10.46 -23.59
CA GLN B 119 -17.81 -9.25 -22.82
C GLN B 119 -17.26 -9.58 -21.35
N GLY B 120 -16.49 -8.70 -20.88
CA GLY B 120 -15.97 -8.93 -19.49
C GLY B 120 -14.44 -8.71 -19.22
N ALA B 121 -14.25 -8.27 -18.04
CA ALA B 121 -12.81 -8.02 -17.58
C ALA B 121 -12.32 -8.58 -16.17
N LEU B 122 -11.48 -9.53 -16.30
CA LEU B 122 -10.90 -10.13 -15.04
C LEU B 122 -9.61 -9.41 -14.45
N GLY B 123 -9.83 -8.84 -13.33
CA GLY B 123 -8.66 -8.14 -12.65
C GLY B 123 -7.70 -9.13 -11.86
N VAL B 124 -6.70 -9.53 -12.56
CA VAL B 124 -5.71 -10.48 -11.90
C VAL B 124 -4.51 -9.88 -11.06
N PHE B 125 -4.72 -9.96 -9.79
CA PHE B 125 -3.65 -9.41 -8.84
C PHE B 125 -2.70 -10.21 -7.89
N ALA B 126 -1.46 -9.93 -8.07
CA ALA B 126 -0.41 -10.58 -7.15
C ALA B 126 -0.01 -9.76 -5.84
N VAL B 127 -0.66 -10.12 -4.80
CA VAL B 127 -0.44 -9.37 -3.50
C VAL B 127 0.49 -9.95 -2.37
N PRO B 128 1.59 -9.25 -2.24
CA PRO B 128 2.54 -9.65 -1.08
C PRO B 128 1.91 -9.66 0.39
N GLU B 129 2.18 -10.70 1.06
CA GLU B 129 1.49 -10.80 2.44
C GLU B 129 -0.08 -10.48 2.50
N MET B 130 -0.72 -11.13 1.54
CA MET B 130 -2.20 -10.91 1.42
C MET B 130 -3.12 -11.31 2.61
N CYS B 131 -2.83 -10.64 3.69
CA CYS B 131 -3.71 -10.90 4.93
C CYS B 131 -5.25 -10.54 4.76
N LEU B 132 -6.02 -11.56 4.88
CA LEU B 132 -7.52 -11.35 4.72
C LEU B 132 -8.38 -11.19 6.02
N ALA B 133 -9.42 -10.44 5.85
CA ALA B 133 -10.37 -10.23 7.03
C ALA B 133 -11.30 -11.43 7.50
N GLY B 134 -11.35 -11.58 8.76
CA GLY B 134 -12.19 -12.72 9.35
C GLY B 134 -13.76 -12.53 9.35
N ASP B 135 -14.38 -13.63 9.64
CA ASP B 135 -15.91 -13.62 9.71
C ASP B 135 -16.58 -13.19 11.08
N SER B 136 -15.70 -12.89 11.98
CA SER B 136 -16.20 -12.48 13.36
C SER B 136 -16.15 -10.98 13.83
N ASN B 137 -17.26 -10.61 14.38
CA ASN B 137 -17.35 -9.21 14.98
C ASN B 137 -17.19 -9.06 16.56
N THR B 138 -17.20 -10.24 17.12
CA THR B 138 -16.97 -10.33 18.64
C THR B 138 -15.47 -10.61 19.07
N THR B 139 -14.84 -11.16 18.09
CA THR B 139 -13.34 -11.49 18.23
C THR B 139 -12.45 -11.16 16.93
N THR B 140 -11.21 -11.16 17.12
CA THR B 140 -10.30 -10.83 15.92
C THR B 140 -9.08 -11.78 15.61
N MET B 141 -8.56 -11.57 14.42
CA MET B 141 -7.40 -12.46 14.00
C MET B 141 -7.62 -13.97 14.38
N HIS B 142 -8.88 -14.28 14.37
CA HIS B 142 -9.29 -15.69 14.78
C HIS B 142 -9.45 -16.83 13.71
N THR B 143 -9.32 -16.40 12.49
CA THR B 143 -9.43 -17.44 11.37
C THR B 143 -8.43 -18.67 11.44
N SER B 144 -9.04 -19.78 11.67
CA SER B 144 -8.20 -21.06 11.80
C SER B 144 -7.23 -21.47 10.60
N TYR B 145 -6.14 -22.02 11.03
CA TYR B 145 -5.14 -22.51 10.00
C TYR B 145 -5.78 -23.33 8.80
N GLN B 146 -6.66 -24.20 9.25
CA GLN B 146 -7.41 -25.04 8.19
C GLN B 146 -8.25 -24.20 7.12
N ASN B 147 -8.95 -23.26 7.70
CA ASN B 147 -9.73 -22.31 6.81
C ASN B 147 -8.95 -21.18 6.01
N ALA B 148 -7.93 -20.75 6.72
CA ALA B 148 -6.99 -19.73 6.03
C ALA B 148 -6.14 -20.29 4.80
N ASN B 149 -6.06 -21.59 4.87
CA ASN B 149 -5.36 -22.36 3.77
C ASN B 149 -6.13 -23.47 2.93
N PRO B 150 -6.94 -22.95 2.10
CA PRO B 150 -7.80 -23.87 1.21
C PRO B 150 -7.07 -24.91 0.27
N GLY B 151 -5.80 -24.66 0.19
CA GLY B 151 -4.96 -25.52 -0.75
C GLY B 151 -5.27 -25.21 -2.28
N GLU B 152 -5.07 -26.18 -3.06
CA GLU B 152 -5.37 -26.00 -4.55
C GLU B 152 -6.75 -25.37 -5.05
N LYS B 153 -7.75 -25.78 -4.36
CA LYS B 153 -9.14 -25.24 -4.69
C LYS B 153 -9.38 -23.71 -4.37
N GLY B 154 -8.44 -23.24 -3.60
CA GLY B 154 -8.53 -21.78 -3.16
C GLY B 154 -9.89 -21.34 -2.49
N GLY B 155 -9.99 -20.08 -2.34
CA GLY B 155 -11.26 -19.50 -1.74
C GLY B 155 -12.00 -18.48 -2.70
N THR B 156 -12.96 -17.88 -2.14
CA THR B 156 -13.75 -16.85 -2.95
C THR B 156 -14.27 -15.56 -2.23
N PHE B 157 -14.28 -14.55 -3.01
CA PHE B 157 -14.87 -13.25 -2.44
C PHE B 157 -16.43 -12.99 -2.38
N THR B 158 -16.79 -12.30 -1.40
CA THR B 158 -18.28 -11.97 -1.25
C THR B 158 -18.71 -10.47 -1.40
N GLY B 159 -19.74 -10.31 -2.14
CA GLY B 159 -20.27 -8.90 -2.34
C GLY B 159 -20.83 -8.23 -1.02
N THR B 160 -20.91 -9.11 -0.06
CA THR B 160 -21.47 -8.66 1.29
C THR B 160 -20.86 -9.25 2.62
N PHE B 161 -20.55 -8.29 3.50
CA PHE B 161 -20.07 -8.79 4.87
C PHE B 161 -21.07 -9.31 5.97
N THR B 162 -21.12 -10.56 5.98
CA THR B 162 -22.08 -11.25 6.97
C THR B 162 -21.42 -12.00 8.17
N PRO B 163 -21.40 -11.28 9.23
CA PRO B 163 -20.71 -11.79 10.50
C PRO B 163 -21.12 -13.18 11.13
N ASP B 164 -20.07 -13.93 11.36
CA ASP B 164 -20.34 -15.26 12.07
C ASP B 164 -20.99 -15.08 13.51
N ASN B 165 -22.24 -15.37 13.53
CA ASN B 165 -22.93 -15.18 14.86
C ASN B 165 -23.01 -16.29 15.94
N ASN B 166 -22.64 -17.44 15.49
CA ASN B 166 -22.55 -18.63 16.43
C ASN B 166 -21.49 -18.69 17.60
N GLN B 167 -21.42 -17.60 18.30
CA GLN B 167 -20.42 -17.54 19.45
C GLN B 167 -19.96 -18.89 20.14
N THR B 168 -20.91 -19.75 20.24
CA THR B 168 -20.61 -21.12 20.85
C THR B 168 -19.58 -22.04 20.06
N SER B 169 -19.91 -22.12 18.84
CA SER B 169 -19.05 -22.94 17.85
C SER B 169 -18.66 -22.15 16.52
N PRO B 170 -17.81 -21.23 16.76
CA PRO B 170 -17.40 -20.32 15.59
C PRO B 170 -16.86 -20.95 14.25
N ALA B 171 -17.47 -20.42 13.22
CA ALA B 171 -16.95 -20.88 11.84
C ALA B 171 -15.38 -20.69 11.65
N ARG B 172 -14.98 -19.74 12.50
CA ARG B 172 -13.49 -19.41 12.46
C ARG B 172 -12.83 -19.30 11.03
N ARG B 173 -13.52 -18.61 10.25
CA ARG B 173 -13.03 -18.41 8.82
C ARG B 173 -13.20 -16.96 8.18
N PHE B 174 -12.48 -16.81 7.14
CA PHE B 174 -12.56 -15.48 6.39
C PHE B 174 -13.86 -14.92 5.67
N CYS B 175 -14.02 -13.67 5.83
CA CYS B 175 -15.19 -12.99 5.11
C CYS B 175 -14.77 -11.81 4.12
N PRO B 176 -13.95 -12.24 3.21
CA PRO B 176 -13.41 -11.26 2.19
C PRO B 176 -14.40 -10.59 1.26
N VAL B 177 -14.71 -9.37 1.60
CA VAL B 177 -15.65 -8.56 0.71
C VAL B 177 -15.02 -7.92 -0.59
N ASP B 178 -15.53 -8.36 -1.68
CA ASP B 178 -14.96 -7.88 -3.00
C ASP B 178 -14.45 -6.38 -3.14
N TYR B 179 -15.37 -5.48 -3.03
CA TYR B 179 -14.97 -4.03 -3.15
C TYR B 179 -13.91 -3.48 -2.11
N LEU B 180 -13.73 -4.29 -1.12
CA LEU B 180 -12.68 -3.96 -0.07
C LEU B 180 -11.41 -4.90 -0.09
N LEU B 181 -11.27 -5.48 -1.27
CA LEU B 181 -10.12 -6.46 -1.47
C LEU B 181 -9.97 -7.54 -0.34
N GLY B 182 -11.11 -7.79 0.25
CA GLY B 182 -11.13 -8.80 1.40
C GLY B 182 -10.26 -8.39 2.65
N ASN B 183 -9.71 -7.22 2.53
CA ASN B 183 -8.83 -6.71 3.63
C ASN B 183 -8.87 -5.24 4.23
N GLY B 184 -10.00 -4.64 4.07
CA GLY B 184 -10.18 -3.23 4.64
C GLY B 184 -9.74 -2.03 3.70
N THR B 185 -9.30 -2.40 2.56
CA THR B 185 -8.89 -1.34 1.53
C THR B 185 -9.67 -1.37 0.15
N LEU B 186 -9.84 -0.22 -0.38
CA LEU B 186 -10.61 -0.12 -1.68
C LEU B 186 -10.03 -0.82 -2.96
N LEU B 187 -10.82 -1.75 -3.42
CA LEU B 187 -10.38 -2.51 -4.67
C LEU B 187 -9.80 -1.64 -5.85
N GLY B 188 -10.49 -0.55 -6.05
CA GLY B 188 -10.01 0.41 -7.15
C GLY B 188 -8.45 0.70 -7.11
N ASN B 189 -7.97 0.59 -5.90
CA ASN B 189 -6.48 0.79 -5.69
C ASN B 189 -5.50 -0.46 -5.71
N ALA B 190 -6.20 -1.58 -5.76
CA ALA B 190 -5.38 -2.88 -5.86
C ALA B 190 -4.25 -2.91 -6.99
N PHE B 191 -4.55 -2.01 -7.91
CA PHE B 191 -3.50 -1.84 -9.03
C PHE B 191 -2.04 -1.35 -8.75
N VAL B 192 -1.97 -0.80 -7.51
CA VAL B 192 -0.55 -0.45 -7.03
C VAL B 192 0.35 -1.76 -6.87
N PHE B 193 -0.46 -2.80 -6.82
CA PHE B 193 0.18 -4.20 -6.81
C PHE B 193 0.44 -5.00 -8.17
N PRO B 194 1.58 -5.59 -8.23
CA PRO B 194 1.83 -6.38 -9.52
C PRO B 194 0.60 -7.15 -10.15
N HIS B 195 0.24 -6.65 -11.28
CA HIS B 195 -0.98 -7.24 -11.95
C HIS B 195 -1.19 -7.13 -13.50
N GLN B 196 -2.19 -7.80 -13.87
CA GLN B 196 -2.65 -7.76 -15.33
C GLN B 196 -4.22 -7.94 -15.51
N ILE B 197 -4.70 -7.30 -16.46
CA ILE B 197 -6.19 -7.42 -16.71
C ILE B 197 -6.63 -8.30 -17.94
N ILE B 198 -7.40 -9.30 -17.59
CA ILE B 198 -7.91 -10.18 -18.71
C ILE B 198 -9.24 -9.71 -19.41
N ASN B 199 -9.02 -8.70 -20.22
CA ASN B 199 -10.19 -8.15 -21.01
C ASN B 199 -10.70 -8.93 -22.29
N LEU B 200 -11.59 -9.83 -22.01
CA LEU B 200 -12.12 -10.71 -23.13
C LEU B 200 -11.94 -10.26 -24.61
N ARG B 201 -12.23 -9.02 -24.83
CA ARG B 201 -12.02 -8.46 -26.24
C ARG B 201 -10.50 -8.30 -26.72
N THR B 202 -9.70 -8.25 -25.70
CA THR B 202 -8.19 -8.10 -25.97
C THR B 202 -7.24 -9.34 -25.75
N ASN B 203 -7.56 -10.05 -24.70
CA ASN B 203 -6.71 -11.25 -24.38
C ASN B 203 -7.18 -12.53 -23.60
N ASN B 204 -6.67 -13.63 -24.11
CA ASN B 204 -6.95 -14.97 -23.45
C ASN B 204 -6.53 -15.23 -21.95
N CYS B 205 -5.51 -14.48 -21.64
CA CYS B 205 -4.92 -14.70 -20.26
C CYS B 205 -3.98 -13.62 -19.62
N ALA B 206 -3.55 -14.03 -18.47
CA ALA B 206 -2.57 -13.17 -17.68
C ALA B 206 -1.27 -13.88 -17.09
N THR B 207 -0.19 -13.39 -17.56
CA THR B 207 1.12 -13.99 -17.06
C THR B 207 2.00 -13.12 -16.09
N LEU B 208 1.96 -13.56 -14.88
CA LEU B 208 2.76 -12.84 -13.82
C LEU B 208 4.00 -13.60 -13.22
N VAL B 209 5.12 -13.06 -13.54
CA VAL B 209 6.39 -13.67 -12.94
C VAL B 209 6.80 -13.09 -11.51
N LEU B 210 6.41 -13.86 -10.54
CA LEU B 210 6.66 -13.42 -9.13
C LEU B 210 7.97 -13.86 -8.39
N PRO B 211 8.63 -12.87 -7.95
CA PRO B 211 9.89 -13.14 -7.10
C PRO B 211 9.67 -13.51 -5.58
N TYR B 212 10.61 -14.17 -5.04
CA TYR B 212 10.45 -14.45 -3.57
C TYR B 212 10.44 -13.13 -2.68
N VAL B 213 9.27 -12.80 -2.27
CA VAL B 213 9.15 -11.56 -1.40
C VAL B 213 8.91 -11.77 0.15
N ASN B 214 9.71 -11.07 0.87
CA ASN B 214 9.62 -11.22 2.38
C ASN B 214 10.65 -10.53 3.36
N SER B 215 10.13 -10.24 4.50
CA SER B 215 11.05 -9.61 5.57
C SER B 215 12.34 -10.47 5.95
N LEU B 216 12.26 -11.67 5.46
CA LEU B 216 13.40 -12.65 5.68
C LEU B 216 14.00 -13.31 4.37
N SER B 217 15.25 -13.62 4.47
CA SER B 217 15.90 -14.33 3.27
C SER B 217 15.25 -15.73 2.87
N ILE B 218 14.86 -16.36 3.92
CA ILE B 218 14.12 -17.69 3.81
C ILE B 218 13.21 -17.98 5.08
N ASP B 219 12.13 -18.57 4.83
CA ASP B 219 11.13 -18.81 5.97
C ASP B 219 10.35 -20.17 5.97
N SER B 220 9.45 -20.21 6.91
CA SER B 220 8.56 -21.46 6.99
C SER B 220 7.33 -21.51 5.97
N MET B 221 7.62 -22.16 4.89
CA MET B 221 6.54 -22.28 3.82
C MET B 221 5.17 -22.86 4.30
N VAL B 222 5.30 -23.72 5.28
CA VAL B 222 4.04 -24.33 5.89
C VAL B 222 3.21 -23.41 6.89
N LYS B 223 3.99 -22.65 7.60
CA LYS B 223 3.36 -21.64 8.56
C LYS B 223 2.95 -20.26 7.91
N HIS B 224 3.74 -19.98 6.92
CA HIS B 224 3.57 -18.63 6.22
C HIS B 224 3.45 -18.56 4.66
N ASN B 225 2.41 -17.91 4.27
CA ASN B 225 2.21 -17.66 2.78
C ASN B 225 2.67 -16.27 2.16
N ASN B 226 3.76 -16.36 1.49
CA ASN B 226 4.34 -15.11 0.87
C ASN B 226 3.55 -14.23 -0.16
N TRP B 227 2.89 -14.94 -1.00
CA TRP B 227 2.03 -14.26 -2.05
C TRP B 227 0.50 -14.65 -2.08
N GLY B 228 -0.25 -13.69 -2.40
CA GLY B 228 -1.74 -13.94 -2.53
C GLY B 228 -2.29 -13.62 -4.00
N ILE B 229 -2.82 -14.63 -4.58
CA ILE B 229 -3.40 -14.43 -5.97
C ILE B 229 -4.94 -14.13 -6.05
N ALA B 230 -5.18 -12.86 -6.11
CA ALA B 230 -6.64 -12.40 -6.21
C ALA B 230 -7.26 -12.08 -7.64
N ILE B 231 -8.25 -12.84 -7.92
CA ILE B 231 -8.97 -12.64 -9.25
C ILE B 231 -10.46 -12.16 -9.19
N LEU B 232 -10.60 -10.90 -9.44
CA LEU B 232 -11.99 -10.29 -9.40
C LEU B 232 -12.54 -9.70 -10.74
N PRO B 233 -13.78 -9.93 -10.89
CA PRO B 233 -14.44 -9.33 -12.14
C PRO B 233 -14.63 -7.76 -12.20
N LEU B 234 -13.61 -7.15 -12.74
CA LEU B 234 -13.73 -5.63 -12.88
C LEU B 234 -14.99 -5.19 -13.71
N ALA B 235 -15.14 -5.97 -14.71
CA ALA B 235 -16.39 -5.86 -15.61
C ALA B 235 -17.14 -7.26 -15.85
N PRO B 236 -18.28 -7.30 -15.34
CA PRO B 236 -19.06 -8.61 -15.39
C PRO B 236 -19.20 -9.40 -16.74
N LEU B 237 -19.02 -10.68 -16.53
CA LEU B 237 -19.20 -11.56 -17.74
C LEU B 237 -20.56 -11.35 -18.50
N ASN B 238 -20.42 -11.28 -19.71
CA ASN B 238 -21.63 -11.07 -20.58
C ASN B 238 -21.60 -11.57 -22.06
N PHE B 239 -22.55 -12.30 -22.33
CA PHE B 239 -22.63 -12.90 -23.75
C PHE B 239 -23.86 -12.80 -24.69
N ALA B 240 -23.51 -12.42 -25.91
CA ALA B 240 -24.71 -12.20 -26.87
C ALA B 240 -26.03 -11.68 -26.12
N SER B 241 -26.86 -12.62 -25.92
CA SER B 241 -28.10 -12.32 -25.09
C SER B 241 -28.43 -13.32 -23.90
N GLU B 242 -27.73 -14.46 -24.06
CA GLU B 242 -27.92 -15.44 -22.91
C GLU B 242 -27.97 -14.83 -21.43
N SER B 243 -29.05 -15.08 -20.83
CA SER B 243 -29.23 -14.53 -19.41
C SER B 243 -28.25 -15.12 -18.30
N SER B 244 -27.82 -16.30 -18.64
CA SER B 244 -26.82 -16.98 -17.70
C SER B 244 -25.60 -17.74 -18.36
N PRO B 245 -24.85 -16.88 -18.97
CA PRO B 245 -23.56 -17.41 -19.62
C PRO B 245 -22.46 -18.02 -18.66
N GLU B 246 -21.60 -18.62 -19.27
CA GLU B 246 -20.45 -19.22 -18.48
C GLU B 246 -19.08 -19.56 -19.19
N ILE B 247 -18.10 -19.18 -18.54
CA ILE B 247 -16.75 -19.53 -19.07
C ILE B 247 -15.67 -19.90 -17.99
N PRO B 248 -15.03 -20.92 -18.34
CA PRO B 248 -13.95 -21.40 -17.39
C PRO B 248 -12.67 -20.49 -17.17
N ILE B 249 -12.28 -20.51 -16.00
CA ILE B 249 -10.97 -19.82 -15.67
C ILE B 249 -9.91 -20.86 -15.09
N THR B 250 -9.08 -21.24 -16.00
CA THR B 250 -8.02 -22.24 -15.55
C THR B 250 -6.66 -21.58 -15.08
N LEU B 251 -6.34 -21.95 -13.94
CA LEU B 251 -5.07 -21.38 -13.29
C LEU B 251 -3.84 -22.34 -13.19
N THR B 252 -2.92 -22.06 -14.05
CA THR B 252 -1.62 -22.87 -14.05
C THR B 252 -0.34 -22.13 -13.47
N ILE B 253 0.19 -22.74 -12.48
CA ILE B 253 1.37 -22.10 -11.79
C ILE B 253 2.68 -22.95 -11.64
N ALA B 254 3.74 -22.26 -11.86
CA ALA B 254 5.09 -22.94 -11.73
C ALA B 254 6.19 -22.35 -10.76
N PRO B 255 6.41 -23.15 -9.75
CA PRO B 255 7.55 -22.69 -8.83
C PRO B 255 8.96 -22.39 -9.54
N MET B 256 9.59 -21.42 -9.03
CA MET B 256 10.90 -21.01 -9.68
C MET B 256 12.14 -20.80 -8.75
N CYS B 257 13.24 -21.01 -9.39
CA CYS B 257 14.52 -20.91 -8.53
C CYS B 257 14.31 -21.22 -6.99
N CYS B 258 13.46 -22.19 -6.84
CA CYS B 258 13.11 -22.61 -5.42
C CYS B 258 14.12 -23.55 -4.63
N GLU B 259 14.32 -23.13 -3.45
CA GLU B 259 15.25 -23.94 -2.55
C GLU B 259 14.91 -24.19 -1.02
N PHE B 260 15.27 -25.34 -0.63
CA PHE B 260 14.99 -25.74 0.81
C PHE B 260 16.04 -26.15 1.90
N ASN B 261 15.79 -25.66 3.05
CA ASN B 261 16.68 -26.00 4.23
C ASN B 261 16.09 -26.67 5.53
N GLY B 262 16.98 -27.17 6.30
CA GLY B 262 16.51 -27.86 7.58
C GLY B 262 15.71 -29.21 7.36
N LEU B 263 16.36 -30.06 6.63
CA LEU B 263 15.74 -31.41 6.34
C LEU B 263 15.53 -32.39 7.55
N ARG B 264 14.38 -32.89 7.60
CA ARG B 264 13.99 -33.91 8.69
C ARG B 264 12.78 -34.87 8.26
N ASN B 265 12.15 -35.37 9.26
CA ASN B 265 10.92 -36.18 8.90
C ASN B 265 9.69 -35.38 8.29
N ILE B 266 9.00 -36.00 7.42
CA ILE B 266 7.86 -35.27 6.77
C ILE B 266 6.75 -34.64 7.71
N THR B 267 6.49 -33.42 7.38
CA THR B 267 5.39 -32.69 8.16
C THR B 267 3.89 -33.04 7.78
N LEU B 268 3.29 -33.68 8.71
CA LEU B 268 1.83 -34.08 8.48
C LEU B 268 0.76 -33.14 9.12
N PRO B 269 0.56 -32.09 8.40
CA PRO B 269 -0.44 -31.03 8.91
C PRO B 269 -1.94 -31.45 9.18
N ARG B 270 -2.45 -30.80 10.15
CA ARG B 270 -3.95 -31.01 10.41
C ARG B 270 -4.88 -30.08 9.49
N LEU B 271 -4.84 -30.44 8.25
CA LEU B 271 -5.60 -29.62 7.23
C LEU B 271 -7.16 -29.62 7.22
N GLN B 272 -7.67 -30.35 8.14
CA GLN B 272 -9.20 -30.41 8.30
C GLN B 272 -9.80 -30.30 9.76
N GLY C 1 33.19 26.68 33.89
CA GLY C 1 32.09 26.35 32.79
C GLY C 1 31.90 27.47 31.69
N LEU C 2 31.83 26.99 30.49
CA LEU C 2 31.62 27.95 29.32
C LEU C 2 30.32 28.84 29.38
N PRO C 3 30.56 30.11 29.42
CA PRO C 3 29.38 31.05 29.49
C PRO C 3 28.36 30.96 28.37
N VAL C 4 27.23 30.47 28.75
CA VAL C 4 26.07 30.36 27.77
C VAL C 4 24.72 31.08 28.18
N MET C 5 24.04 31.46 27.19
CA MET C 5 22.72 32.17 27.45
C MET C 5 21.49 31.61 26.67
N ASN C 6 20.66 30.98 27.45
CA ASN C 6 19.42 30.39 26.82
C ASN C 6 18.39 31.30 26.02
N THR C 7 18.14 30.85 24.86
CA THR C 7 17.17 31.61 23.97
C THR C 7 15.72 31.02 23.78
N PRO C 8 14.84 31.94 23.45
CA PRO C 8 13.43 31.40 23.17
C PRO C 8 13.33 30.03 22.34
N GLY C 9 12.47 29.23 22.76
CA GLY C 9 12.36 27.85 22.12
C GLY C 9 13.03 26.72 23.04
N SER C 10 13.85 27.28 23.91
CA SER C 10 14.54 26.35 24.92
C SER C 10 13.60 25.36 25.75
N ASN C 11 14.05 24.16 25.80
CA ASN C 11 13.21 23.11 26.50
C ASN C 11 11.80 22.68 25.92
N GLN C 12 11.54 23.33 24.82
CA GLN C 12 10.25 23.00 24.08
C GLN C 12 10.27 21.69 23.16
N TYR C 13 9.12 21.15 23.01
CA TYR C 13 9.03 19.92 22.15
C TYR C 13 8.28 20.05 20.77
N LEU C 14 9.08 20.35 19.79
CA LEU C 14 8.50 20.49 18.40
C LEU C 14 8.33 19.16 17.58
N THR C 15 7.17 18.59 17.78
CA THR C 15 6.85 17.28 17.05
C THR C 15 7.53 17.08 15.63
N ALA C 16 7.75 18.21 15.05
CA ALA C 16 8.47 18.22 13.68
C ALA C 16 10.04 18.48 13.68
N ASP C 17 10.47 18.73 14.90
CA ASP C 17 11.97 18.98 15.07
C ASP C 17 12.92 17.82 14.55
N ASN C 18 14.13 18.18 14.40
CA ASN C 18 15.14 17.17 13.92
C ASN C 18 16.57 17.04 14.56
N PHE C 19 16.51 16.72 15.80
CA PHE C 19 17.81 16.53 16.58
C PHE C 19 18.39 15.14 17.05
N GLN C 20 19.59 15.22 17.45
CA GLN C 20 20.22 13.94 18.02
C GLN C 20 19.72 13.54 19.47
N SER C 21 19.91 12.34 19.75
CA SER C 21 19.50 11.84 21.14
C SER C 21 20.13 10.48 21.64
N PRO C 22 20.43 10.52 22.87
CA PRO C 22 21.04 9.25 23.48
C PRO C 22 20.37 7.86 23.11
N CYS C 23 21.22 6.99 22.73
CA CYS C 23 20.69 5.60 22.37
C CYS C 23 20.45 4.59 23.58
N ALA C 24 19.20 4.33 23.73
CA ALA C 24 18.82 3.35 24.86
C ALA C 24 19.46 1.88 24.84
N LEU C 25 19.81 1.56 23.63
CA LEU C 25 20.49 0.21 23.41
C LEU C 25 21.92 0.24 22.76
N PRO C 26 22.78 0.85 23.50
CA PRO C 26 24.23 0.95 23.00
C PRO C 26 24.93 -0.37 22.46
N GLU C 27 25.78 -0.15 21.54
CA GLU C 27 26.47 -1.37 20.91
C GLU C 27 25.65 -2.59 20.33
N PHE C 28 24.37 -2.32 20.34
CA PHE C 28 23.41 -3.38 19.74
C PHE C 28 23.58 -3.99 18.30
N ASP C 29 23.93 -5.22 18.31
CA ASP C 29 24.16 -5.91 16.95
C ASP C 29 22.96 -5.88 15.92
N VAL C 30 22.94 -4.78 15.23
CA VAL C 30 21.84 -4.62 14.19
C VAL C 30 21.79 -5.60 12.96
N THR C 31 20.63 -6.18 12.85
CA THR C 31 20.43 -7.12 11.66
C THR C 31 20.43 -6.47 10.22
N PRO C 32 21.48 -6.75 9.55
CA PRO C 32 21.61 -6.19 8.14
C PRO C 32 20.36 -6.24 7.17
N PRO C 33 20.41 -5.38 6.26
CA PRO C 33 19.30 -5.38 5.21
C PRO C 33 19.45 -6.38 3.97
N ILE C 34 18.39 -6.95 3.65
CA ILE C 34 18.42 -7.84 2.41
C ILE C 34 17.70 -7.19 1.16
N ASP C 35 18.33 -7.34 0.07
CA ASP C 35 17.72 -6.72 -1.18
C ASP C 35 16.22 -7.09 -1.50
N ILE C 36 15.39 -6.59 -0.63
CA ILE C 36 13.90 -6.84 -0.84
C ILE C 36 13.23 -6.09 -2.05
N PRO C 37 12.65 -6.87 -2.87
CA PRO C 37 11.92 -6.23 -4.06
C PRO C 37 10.75 -5.22 -3.77
N GLY C 38 10.60 -4.33 -4.66
CA GLY C 38 9.48 -3.31 -4.51
C GLY C 38 9.75 -2.08 -3.57
N GLU C 39 11.01 -1.77 -3.45
CA GLU C 39 11.35 -0.55 -2.61
C GLU C 39 10.96 0.93 -3.12
N VAL C 40 10.29 1.56 -2.27
CA VAL C 40 9.87 2.99 -2.61
C VAL C 40 10.69 4.17 -1.95
N LYS C 41 11.00 5.10 -2.75
CA LYS C 41 11.79 6.30 -2.23
C LYS C 41 11.00 7.64 -2.07
N ASN C 42 9.93 7.66 -2.76
CA ASN C 42 9.01 8.87 -2.72
C ASN C 42 7.46 8.71 -2.96
N MET C 43 6.74 9.12 -1.96
CA MET C 43 5.24 8.98 -2.08
C MET C 43 4.62 9.29 -3.49
N MET C 44 5.27 10.26 -4.10
CA MET C 44 4.82 10.63 -5.51
C MET C 44 4.88 9.46 -6.55
N GLU C 45 5.88 8.62 -6.26
CA GLU C 45 5.96 7.35 -7.13
C GLU C 45 4.61 6.49 -7.23
N LEU C 46 4.03 6.46 -6.05
CA LEU C 46 2.67 5.76 -5.95
C LEU C 46 1.52 6.54 -6.69
N ALA C 47 1.67 7.85 -6.56
CA ALA C 47 0.67 8.75 -7.32
C ALA C 47 0.73 8.66 -8.92
N GLU C 48 1.94 8.29 -9.29
CA GLU C 48 2.16 8.04 -10.79
C GLU C 48 1.65 6.67 -11.42
N ILE C 49 1.16 5.91 -10.47
CA ILE C 49 0.55 4.57 -10.87
C ILE C 49 -1.02 4.58 -11.11
N ASP C 50 -1.35 4.15 -12.26
CA ASP C 50 -2.84 4.11 -12.59
C ASP C 50 -3.79 3.39 -11.55
N THR C 51 -4.66 4.16 -11.06
CA THR C 51 -5.70 3.60 -10.06
C THR C 51 -7.21 3.80 -10.48
N MET C 52 -7.92 2.73 -10.42
CA MET C 52 -9.36 2.80 -10.86
C MET C 52 -10.32 3.81 -10.14
N ILE C 53 -10.97 4.55 -10.98
CA ILE C 53 -11.93 5.61 -10.45
C ILE C 53 -13.43 5.17 -10.17
N PRO C 54 -13.79 5.41 -8.95
CA PRO C 54 -15.24 5.10 -8.55
C PRO C 54 -16.39 6.04 -9.11
N PHE C 55 -16.21 6.29 -10.39
CA PHE C 55 -17.24 7.20 -11.08
C PHE C 55 -18.78 7.27 -10.74
N ASP C 56 -19.33 6.09 -10.75
CA ASP C 56 -20.82 5.99 -10.41
C ASP C 56 -21.17 5.84 -8.87
N LEU C 57 -20.86 6.90 -8.20
CA LEU C 57 -21.17 6.93 -6.71
C LEU C 57 -22.66 7.18 -6.30
N SER C 58 -23.48 6.74 -7.21
CA SER C 58 -24.99 6.88 -6.95
C SER C 58 -25.59 6.09 -5.71
N ALA C 59 -26.59 6.68 -5.17
CA ALA C 59 -27.25 6.00 -3.96
C ALA C 59 -27.16 4.41 -3.80
N THR C 60 -27.51 3.79 -4.88
CA THR C 60 -27.47 2.26 -4.89
C THR C 60 -26.14 1.54 -5.35
N LYS C 61 -25.46 2.23 -6.21
CA LYS C 61 -24.12 1.66 -6.71
C LYS C 61 -22.88 1.91 -5.77
N LYS C 62 -22.95 3.08 -5.16
CA LYS C 62 -21.83 3.42 -4.21
C LYS C 62 -21.47 2.33 -3.13
N ASN C 63 -20.25 2.37 -2.75
CA ASN C 63 -19.76 1.29 -1.79
C ASN C 63 -20.01 -0.23 -2.16
N THR C 64 -19.94 -0.37 -3.45
CA THR C 64 -20.10 -1.75 -4.11
C THR C 64 -19.27 -1.92 -5.47
N MET C 65 -18.91 -3.10 -5.74
CA MET C 65 -18.12 -3.32 -7.01
C MET C 65 -18.62 -2.53 -8.27
N GLU C 66 -19.87 -2.21 -8.18
CA GLU C 66 -20.51 -1.38 -9.30
C GLU C 66 -20.11 0.12 -9.57
N MET C 67 -19.79 0.74 -8.46
CA MET C 67 -19.35 2.20 -8.57
C MET C 67 -18.17 2.45 -9.58
N TYR C 68 -17.44 1.37 -9.77
CA TYR C 68 -16.28 1.42 -10.75
C TYR C 68 -16.67 1.33 -12.28
N ARG C 69 -17.85 0.82 -12.46
CA ARG C 69 -18.35 0.63 -13.89
C ARG C 69 -19.27 1.72 -14.57
N VAL C 70 -18.65 2.39 -15.48
CA VAL C 70 -19.45 3.41 -16.30
C VAL C 70 -20.17 2.82 -17.58
N ARG C 71 -21.39 2.47 -17.34
CA ARG C 71 -22.17 1.82 -18.46
C ARG C 71 -22.57 2.61 -19.77
N LEU C 72 -22.20 1.99 -20.83
CA LEU C 72 -22.56 2.56 -22.20
C LEU C 72 -23.61 1.68 -23.01
N SER C 73 -23.99 2.21 -24.10
CA SER C 73 -24.98 1.43 -24.98
C SER C 73 -25.09 1.77 -26.51
N ASP C 74 -25.45 0.74 -27.22
CA ASP C 74 -25.61 0.94 -28.73
C ASP C 74 -26.71 1.98 -29.19
N LYS C 75 -27.18 2.64 -28.18
CA LYS C 75 -28.24 3.70 -28.44
C LYS C 75 -27.83 4.90 -29.37
N PRO C 76 -28.84 5.49 -29.91
CA PRO C 76 -28.59 6.65 -30.87
C PRO C 76 -27.84 7.94 -30.37
N HIS C 77 -27.08 8.44 -31.31
CA HIS C 77 -26.28 9.67 -30.94
C HIS C 77 -27.00 10.83 -30.14
N THR C 78 -26.36 11.13 -29.10
CA THR C 78 -26.85 12.28 -28.22
C THR C 78 -25.70 13.22 -27.64
N ASP C 79 -25.92 14.45 -27.86
CA ASP C 79 -24.86 15.45 -27.35
C ASP C 79 -24.76 15.59 -25.78
N ASP C 80 -25.53 14.71 -25.19
CA ASP C 80 -25.53 14.68 -23.66
C ASP C 80 -24.38 13.84 -22.97
N PRO C 81 -23.96 14.36 -21.90
CA PRO C 81 -22.80 13.70 -21.14
C PRO C 81 -22.94 12.22 -20.60
N ILE C 82 -21.93 11.49 -20.93
CA ILE C 82 -21.88 10.06 -20.35
C ILE C 82 -21.50 10.07 -18.80
N LEU C 83 -20.70 11.09 -18.55
CA LEU C 83 -20.25 11.34 -17.12
C LEU C 83 -19.51 12.70 -16.84
N CYS C 84 -20.07 13.40 -15.92
CA CYS C 84 -19.43 14.73 -15.50
C CYS C 84 -18.59 14.69 -14.15
N LEU C 85 -17.45 15.22 -14.26
CA LEU C 85 -16.48 15.18 -13.07
C LEU C 85 -15.61 16.46 -12.80
N SER C 86 -15.65 16.87 -11.59
CA SER C 86 -14.81 18.11 -11.21
C SER C 86 -13.27 17.88 -10.89
N LEU C 87 -12.49 18.73 -11.51
CA LEU C 87 -11.00 18.59 -11.28
C LEU C 87 -10.47 18.95 -9.84
N SER C 88 -11.09 18.28 -8.92
CA SER C 88 -10.66 18.43 -7.44
C SER C 88 -10.01 17.11 -6.81
N PRO C 89 -8.96 16.75 -7.49
CA PRO C 89 -8.23 15.46 -7.09
C PRO C 89 -8.36 14.92 -5.60
N ALA C 90 -8.20 15.84 -4.73
CA ALA C 90 -8.30 15.48 -3.24
C ALA C 90 -9.71 15.62 -2.50
N SER C 91 -10.46 16.52 -3.03
CA SER C 91 -11.85 16.77 -2.44
C SER C 91 -13.11 16.07 -3.11
N ASP C 92 -13.02 16.02 -4.40
CA ASP C 92 -14.16 15.33 -5.17
C ASP C 92 -14.36 13.79 -4.87
N PRO C 93 -15.47 13.53 -4.27
CA PRO C 93 -15.79 12.08 -3.88
C PRO C 93 -15.32 10.90 -4.83
N ARG C 94 -15.36 11.23 -6.07
CA ARG C 94 -14.89 10.21 -7.13
C ARG C 94 -13.33 10.05 -7.33
N LEU C 95 -12.69 11.09 -6.89
CA LEU C 95 -11.16 11.11 -6.95
C LEU C 95 -10.43 11.03 -5.55
N SER C 96 -11.11 11.65 -4.62
CA SER C 96 -10.54 11.66 -3.20
C SER C 96 -10.03 10.30 -2.56
N HIS C 97 -10.68 9.28 -2.99
CA HIS C 97 -10.28 7.90 -2.45
C HIS C 97 -9.38 6.97 -3.32
N THR C 98 -9.06 7.53 -4.44
CA THR C 98 -8.05 6.79 -5.36
C THR C 98 -6.54 6.95 -4.85
N MET C 99 -5.77 5.96 -5.11
CA MET C 99 -4.34 6.08 -4.61
C MET C 99 -3.79 7.57 -4.62
N LEU C 100 -4.01 8.16 -5.78
CA LEU C 100 -3.61 9.63 -5.92
C LEU C 100 -4.33 10.61 -4.91
N GLY C 101 -5.64 10.50 -4.98
CA GLY C 101 -6.48 11.34 -4.01
C GLY C 101 -6.08 11.11 -2.49
N GLU C 102 -5.96 9.82 -2.23
CA GLU C 102 -5.49 9.46 -0.81
C GLU C 102 -4.11 10.05 -0.28
N ILE C 103 -3.17 9.95 -1.19
CA ILE C 103 -1.83 10.60 -0.88
C ILE C 103 -1.91 12.19 -0.80
N LEU C 104 -2.75 12.64 -1.73
CA LEU C 104 -3.02 14.15 -1.75
C LEU C 104 -3.64 14.72 -0.42
N ASN C 105 -4.42 13.83 0.18
CA ASN C 105 -5.02 14.22 1.51
C ASN C 105 -4.12 14.22 2.81
N TYR C 106 -2.90 13.84 2.51
CA TYR C 106 -1.80 13.92 3.56
C TYR C 106 -0.94 15.25 3.40
N TYR C 107 -1.36 15.90 2.34
CA TYR C 107 -0.72 17.23 1.98
C TYR C 107 -1.74 18.43 1.74
N THR C 108 -1.26 19.57 2.07
CA THR C 108 -2.15 20.81 1.87
C THR C 108 -2.22 21.45 0.42
N HIS C 109 -1.12 21.24 -0.24
CA HIS C 109 -1.02 21.78 -1.66
C HIS C 109 -0.60 20.79 -2.81
N TRP C 110 -1.29 20.95 -3.88
CA TRP C 110 -0.93 20.11 -5.09
C TRP C 110 -0.70 20.84 -6.45
N ALA C 111 0.24 20.31 -7.12
CA ALA C 111 0.61 20.91 -8.49
C ALA C 111 1.12 19.94 -9.65
N GLY C 112 0.78 20.33 -10.81
CA GLY C 112 1.22 19.52 -11.99
C GLY C 112 0.08 18.87 -12.87
N SER C 113 0.58 18.20 -13.86
CA SER C 113 -0.40 17.52 -14.83
C SER C 113 -0.88 16.05 -14.53
N LEU C 114 -2.16 15.95 -14.51
CA LEU C 114 -2.79 14.58 -14.33
C LEU C 114 -3.19 13.88 -15.68
N LYS C 115 -3.26 12.62 -15.61
CA LYS C 115 -3.71 11.87 -16.84
C LYS C 115 -4.78 10.75 -16.67
N PHE C 116 -5.87 11.06 -17.28
CA PHE C 116 -7.01 10.03 -17.27
C PHE C 116 -7.23 8.93 -18.37
N THR C 117 -6.84 7.77 -17.99
CA THR C 117 -6.98 6.62 -18.96
C THR C 117 -8.26 5.70 -18.92
N PHE C 118 -8.95 5.78 -20.00
CA PHE C 118 -10.20 4.91 -20.12
C PHE C 118 -10.23 3.51 -20.87
N LEU C 119 -10.54 2.54 -20.11
CA LEU C 119 -10.56 1.14 -20.68
C LEU C 119 -11.94 0.56 -21.16
N PHE C 120 -11.98 0.39 -22.43
CA PHE C 120 -13.25 -0.26 -23.03
C PHE C 120 -13.59 -1.80 -22.90
N CYS C 121 -14.20 -2.08 -21.79
CA CYS C 121 -14.54 -3.54 -21.49
C CYS C 121 -15.72 -4.24 -22.25
N GLY C 122 -16.06 -3.63 -23.33
CA GLY C 122 -17.15 -4.24 -24.21
C GLY C 122 -16.58 -5.35 -25.21
N SER C 123 -17.47 -5.95 -25.87
CA SER C 123 -17.02 -7.03 -26.87
C SER C 123 -16.16 -6.57 -28.12
N MET C 124 -15.38 -7.50 -28.58
CA MET C 124 -14.53 -7.17 -29.80
C MET C 124 -15.33 -6.69 -31.07
N MET C 125 -16.50 -7.28 -31.15
CA MET C 125 -17.42 -6.89 -32.31
C MET C 125 -18.05 -5.46 -32.20
N ALA C 126 -17.87 -4.96 -31.01
CA ALA C 126 -18.40 -3.55 -30.73
C ALA C 126 -17.48 -2.29 -31.04
N THR C 127 -17.94 -1.59 -32.00
CA THR C 127 -17.19 -0.31 -32.38
C THR C 127 -17.78 1.05 -31.80
N GLY C 128 -16.99 2.02 -31.89
CA GLY C 128 -17.46 3.36 -31.36
C GLY C 128 -16.39 4.50 -31.21
N LYS C 129 -16.92 5.66 -31.25
CA LYS C 129 -16.04 6.88 -31.06
C LYS C 129 -16.51 7.88 -29.95
N LEU C 130 -15.73 7.89 -28.93
CA LEU C 130 -16.06 8.82 -27.78
C LEU C 130 -15.19 10.13 -27.65
N LEU C 131 -15.82 11.09 -27.09
CA LEU C 131 -15.09 12.41 -26.88
C LEU C 131 -14.75 12.82 -25.40
N VAL C 132 -13.53 12.53 -25.08
CA VAL C 132 -13.07 12.91 -23.67
C VAL C 132 -12.54 14.39 -23.48
N SER C 133 -13.31 15.09 -22.72
CA SER C 133 -12.99 16.56 -22.52
C SER C 133 -12.50 17.15 -21.14
N TYR C 134 -11.68 18.15 -21.31
CA TYR C 134 -11.19 18.92 -20.12
C TYR C 134 -11.32 20.50 -20.25
N ALA C 135 -12.22 20.97 -19.49
CA ALA C 135 -12.46 22.48 -19.53
C ALA C 135 -12.02 23.41 -18.33
N PRO C 136 -10.85 23.96 -18.55
CA PRO C 136 -10.35 24.92 -17.45
C PRO C 136 -11.40 25.94 -16.83
N PRO C 137 -11.40 25.95 -15.58
CA PRO C 137 -12.37 26.86 -14.81
C PRO C 137 -12.77 28.27 -15.41
N GLY C 138 -13.63 28.91 -14.70
CA GLY C 138 -14.05 30.31 -15.13
C GLY C 138 -15.36 30.46 -16.00
N ALA C 139 -15.77 29.38 -16.50
CA ALA C 139 -17.05 29.38 -17.35
C ALA C 139 -18.17 28.29 -17.03
N ASP C 140 -19.21 28.40 -17.76
CA ASP C 140 -20.32 27.38 -17.56
C ASP C 140 -19.91 25.86 -17.79
N PRO C 141 -19.80 25.20 -16.68
CA PRO C 141 -19.44 23.71 -16.82
C PRO C 141 -20.18 22.89 -17.96
N PRO C 142 -19.40 22.51 -18.90
CA PRO C 142 -20.01 21.77 -20.09
C PRO C 142 -21.13 20.67 -19.84
N LYS C 143 -22.23 20.95 -20.43
CA LYS C 143 -23.40 19.97 -20.36
C LYS C 143 -23.82 19.35 -21.74
N LYS C 144 -23.07 19.81 -22.68
CA LYS C 144 -23.27 19.33 -24.12
C LYS C 144 -21.96 19.23 -24.99
N ARG C 145 -21.90 18.15 -25.69
CA ARG C 145 -20.66 18.00 -26.58
C ARG C 145 -20.12 19.37 -27.21
N LYS C 146 -21.11 20.06 -27.73
CA LYS C 146 -20.76 21.42 -28.33
C LYS C 146 -19.77 22.28 -27.46
N GLU C 147 -20.25 22.52 -26.26
CA GLU C 147 -19.32 23.25 -25.28
C GLU C 147 -17.96 22.53 -24.86
N ALA C 148 -18.21 21.28 -24.53
CA ALA C 148 -16.97 20.41 -24.21
C ALA C 148 -15.86 20.33 -25.36
N MET C 149 -16.44 20.22 -26.54
CA MET C 149 -15.54 20.20 -27.77
C MET C 149 -14.62 21.46 -27.92
N LEU C 150 -15.15 22.53 -27.38
CA LEU C 150 -14.39 23.85 -27.42
C LEU C 150 -13.11 24.00 -26.54
N GLY C 151 -13.00 23.09 -25.64
CA GLY C 151 -11.78 23.09 -24.72
C GLY C 151 -10.79 21.87 -24.93
N THR C 152 -9.86 21.82 -24.04
CA THR C 152 -8.89 20.63 -24.15
C THR C 152 -9.56 19.19 -24.19
N HIS C 153 -9.42 18.62 -25.33
CA HIS C 153 -10.05 17.25 -25.50
C HIS C 153 -9.39 16.20 -26.45
N VAL C 154 -9.88 15.04 -26.29
CA VAL C 154 -9.37 13.88 -27.15
C VAL C 154 -10.46 12.92 -27.76
N ILE C 155 -10.48 12.94 -29.05
CA ILE C 155 -11.48 12.02 -29.73
C ILE C 155 -11.06 10.50 -29.83
N TRP C 156 -11.41 9.85 -28.78
CA TRP C 156 -11.07 8.36 -28.66
C TRP C 156 -11.79 7.36 -29.60
N ASP C 157 -11.00 6.79 -30.43
CA ASP C 157 -11.57 5.74 -31.40
C ASP C 157 -11.36 4.22 -30.96
N ILE C 158 -12.44 3.64 -30.63
CA ILE C 158 -12.38 2.19 -30.14
C ILE C 158 -11.95 1.08 -31.15
N GLY C 159 -10.89 0.44 -30.78
CA GLY C 159 -10.32 -0.69 -31.64
C GLY C 159 -9.30 -1.66 -30.89
N LEU C 160 -8.46 -2.25 -31.68
CA LEU C 160 -7.43 -3.17 -31.04
C LEU C 160 -6.81 -2.62 -29.70
N GLN C 161 -6.33 -1.41 -29.87
CA GLN C 161 -5.81 -0.71 -28.60
C GLN C 161 -6.93 -0.41 -27.51
N SER C 162 -7.17 -1.45 -26.78
CA SER C 162 -8.27 -1.37 -25.71
C SER C 162 -8.54 0.01 -24.98
N SER C 163 -7.46 0.59 -24.62
CA SER C 163 -7.56 1.91 -23.86
C SER C 163 -7.10 3.27 -24.54
N CYS C 164 -7.64 4.28 -23.96
CA CYS C 164 -7.28 5.69 -24.45
C CYS C 164 -6.94 6.73 -23.30
N THR C 165 -5.79 7.26 -23.43
CA THR C 165 -5.34 8.26 -22.38
C THR C 165 -5.44 9.81 -22.69
N MET C 166 -6.21 10.43 -21.86
CA MET C 166 -6.33 11.93 -21.99
C MET C 166 -5.55 12.75 -20.89
N VAL C 167 -4.56 13.41 -21.37
CA VAL C 167 -3.75 14.24 -20.39
C VAL C 167 -4.30 15.66 -19.97
N VAL C 168 -4.69 15.69 -18.74
CA VAL C 168 -5.16 17.04 -18.18
C VAL C 168 -4.00 18.02 -17.75
N PRO C 169 -3.57 18.71 -18.74
CA PRO C 169 -2.40 19.68 -18.52
C PRO C 169 -2.44 20.68 -17.30
N TRP C 170 -1.28 20.79 -16.71
CA TRP C 170 -1.19 21.79 -15.55
C TRP C 170 -1.53 23.28 -15.92
N ILE C 171 -2.79 23.49 -15.97
CA ILE C 171 -3.28 24.90 -16.30
C ILE C 171 -3.98 25.68 -15.12
N SER C 172 -3.15 26.39 -14.46
CA SER C 172 -3.64 27.18 -13.25
C SER C 172 -3.04 28.63 -12.98
N ASN C 173 -3.88 29.42 -12.39
CA ASN C 173 -3.37 30.79 -12.00
C ASN C 173 -2.29 30.87 -10.84
N THR C 174 -2.59 30.02 -9.90
CA THR C 174 -1.62 29.86 -8.72
C THR C 174 -0.52 28.71 -8.88
N THR C 175 0.62 29.02 -8.41
CA THR C 175 1.74 27.96 -8.50
C THR C 175 1.40 26.54 -7.88
N TYR C 176 0.43 26.62 -7.03
CA TYR C 176 -0.10 25.39 -6.33
C TYR C 176 -1.67 25.46 -6.01
N ARG C 177 -2.25 24.37 -6.08
CA ARG C 177 -3.74 24.29 -5.69
C ARG C 177 -4.02 23.63 -4.26
N GLN C 178 -5.07 24.05 -3.70
CA GLN C 178 -5.42 23.45 -2.34
C GLN C 178 -6.14 22.03 -2.34
N THR C 179 -5.59 21.19 -1.53
CA THR C 179 -6.20 19.78 -1.45
C THR C 179 -7.69 19.68 -0.92
N ILE C 180 -8.29 20.82 -1.01
CA ILE C 180 -9.76 20.96 -0.60
C ILE C 180 -10.66 21.81 -1.59
N ASP C 181 -11.91 21.57 -1.49
CA ASP C 181 -12.83 22.41 -2.38
C ASP C 181 -12.72 23.97 -2.15
N ASP C 182 -12.16 24.57 -3.14
CA ASP C 182 -11.89 26.08 -3.02
C ASP C 182 -12.04 26.94 -4.34
N SER C 183 -13.12 27.67 -4.32
CA SER C 183 -13.37 28.57 -5.55
C SER C 183 -12.09 29.22 -6.23
N PHE C 184 -11.33 29.80 -5.34
CA PHE C 184 -10.00 30.40 -5.85
C PHE C 184 -8.91 29.51 -6.58
N THR C 185 -8.80 28.34 -5.98
CA THR C 185 -7.85 27.31 -6.60
C THR C 185 -8.54 26.15 -7.44
N GLU C 186 -9.73 26.53 -7.88
CA GLU C 186 -10.49 25.52 -8.76
C GLU C 186 -9.83 24.99 -10.11
N GLY C 187 -9.94 23.72 -10.27
CA GLY C 187 -9.26 23.08 -11.47
C GLY C 187 -10.03 22.98 -12.84
N GLY C 188 -11.29 23.11 -12.75
CA GLY C 188 -12.14 23.01 -14.01
C GLY C 188 -12.99 21.69 -14.14
N TYR C 189 -13.42 21.45 -15.34
CA TYR C 189 -14.28 20.26 -15.58
C TYR C 189 -13.85 19.13 -16.57
N ILE C 190 -13.92 17.95 -16.03
CA ILE C 190 -13.65 16.73 -16.89
C ILE C 190 -14.96 15.94 -17.31
N SER C 191 -15.25 16.09 -18.54
CA SER C 191 -16.50 15.39 -19.07
C SER C 191 -16.34 14.41 -20.31
N VAL C 192 -17.18 13.46 -20.28
CA VAL C 192 -17.15 12.45 -21.43
C VAL C 192 -18.45 12.28 -22.32
N PHE C 193 -18.18 12.26 -23.55
CA PHE C 193 -19.32 12.08 -24.56
C PHE C 193 -19.27 11.11 -25.81
N TYR C 194 -20.41 10.94 -26.35
CA TYR C 194 -20.48 10.11 -27.61
C TYR C 194 -20.13 10.91 -28.94
N GLN C 195 -18.92 10.75 -29.34
CA GLN C 195 -18.55 11.45 -30.67
C GLN C 195 -19.53 11.07 -31.87
N THR C 196 -19.65 9.79 -31.95
CA THR C 196 -20.65 9.19 -32.95
C THR C 196 -21.78 8.30 -32.25
N ARG C 197 -21.31 7.18 -31.88
CA ARG C 197 -22.23 6.19 -31.14
C ARG C 197 -21.80 4.67 -31.12
N ILE C 198 -21.89 4.15 -29.93
CA ILE C 198 -21.51 2.68 -29.81
C ILE C 198 -22.35 1.70 -30.72
N VAL C 199 -21.68 1.27 -31.73
CA VAL C 199 -22.36 0.32 -32.69
C VAL C 199 -22.00 -1.22 -32.62
N VAL C 200 -23.04 -1.96 -32.49
CA VAL C 200 -22.85 -3.46 -32.45
C VAL C 200 -23.77 -4.34 -33.38
N PRO C 201 -23.14 -5.34 -33.87
CA PRO C 201 -23.96 -6.32 -34.73
C PRO C 201 -25.07 -7.17 -33.98
N LEU C 202 -25.71 -7.97 -34.71
CA LEU C 202 -26.71 -8.89 -34.01
C LEU C 202 -26.00 -9.96 -33.08
N SER C 203 -26.78 -10.71 -32.42
CA SER C 203 -26.14 -11.74 -31.47
C SER C 203 -25.02 -11.21 -30.48
N THR C 204 -25.05 -9.92 -30.40
CA THR C 204 -24.06 -9.19 -29.48
C THR C 204 -24.69 -8.22 -28.39
N PRO C 205 -24.06 -8.24 -27.27
CA PRO C 205 -24.59 -7.31 -26.16
C PRO C 205 -24.61 -5.75 -26.42
N ARG C 206 -25.81 -5.29 -26.52
CA ARG C 206 -26.00 -3.78 -26.78
C ARG C 206 -25.55 -2.79 -25.63
N GLU C 207 -25.19 -3.46 -24.59
CA GLU C 207 -24.63 -2.71 -23.38
C GLU C 207 -23.23 -3.19 -22.76
N MET C 208 -22.41 -2.25 -22.68
CA MET C 208 -21.06 -2.59 -22.08
C MET C 208 -20.49 -1.55 -21.07
N ASP C 209 -19.61 -2.04 -20.32
CA ASP C 209 -18.95 -1.15 -19.29
C ASP C 209 -17.50 -0.61 -19.64
N ILE C 210 -17.35 0.62 -19.34
CA ILE C 210 -15.97 1.23 -19.50
C ILE C 210 -15.29 1.68 -18.14
N LEU C 211 -14.21 1.06 -17.91
CA LEU C 211 -13.44 1.43 -16.65
C LEU C 211 -12.50 2.67 -16.82
N GLY C 212 -12.44 3.41 -15.78
CA GLY C 212 -11.58 4.66 -15.83
C GLY C 212 -10.45 4.77 -14.74
N PHE C 213 -9.32 5.05 -15.26
CA PHE C 213 -8.11 5.27 -14.34
C PHE C 213 -7.30 6.61 -14.26
N VAL C 214 -7.06 6.99 -13.07
CA VAL C 214 -6.26 8.26 -12.88
C VAL C 214 -4.83 8.16 -12.23
N SER C 215 -3.98 8.86 -12.84
CA SER C 215 -2.53 8.91 -12.34
C SER C 215 -1.75 10.26 -12.61
N ALA C 216 -0.80 10.46 -11.81
CA ALA C 216 0.01 11.73 -11.98
C ALA C 216 1.25 11.76 -12.98
N CYS C 217 1.24 12.79 -13.74
CA CYS C 217 2.42 12.96 -14.71
C CYS C 217 3.79 13.37 -14.00
N ASN C 218 4.84 13.01 -14.64
CA ASN C 218 6.18 13.38 -14.02
C ASN C 218 6.48 14.86 -13.54
N ASP C 219 5.58 15.70 -14.00
CA ASP C 219 5.67 17.17 -13.56
C ASP C 219 4.86 17.49 -12.22
N PHE C 220 4.27 16.40 -11.80
CA PHE C 220 3.46 16.48 -10.50
C PHE C 220 4.07 16.41 -9.04
N SER C 221 3.69 17.36 -8.30
CA SER C 221 4.20 17.41 -6.87
C SER C 221 3.23 17.94 -5.74
N VAL C 222 3.55 17.54 -4.60
CA VAL C 222 2.76 18.00 -3.38
C VAL C 222 3.59 18.61 -2.18
N ARG C 223 2.94 19.44 -1.49
CA ARG C 223 3.66 20.08 -0.31
C ARG C 223 2.83 20.43 0.99
N LEU C 224 3.56 20.87 1.94
CA LEU C 224 2.91 21.16 3.28
C LEU C 224 2.19 19.95 3.98
N LEU C 225 3.04 19.01 4.28
CA LEU C 225 2.50 17.77 4.98
C LEU C 225 1.42 18.01 6.08
N ARG C 226 0.42 17.22 5.99
CA ARG C 226 -0.72 17.34 6.99
C ARG C 226 -1.57 16.05 7.33
N ASP C 227 -2.16 16.14 8.46
CA ASP C 227 -3.07 14.97 8.85
C ASP C 227 -4.40 14.85 8.01
N THR C 228 -4.59 13.69 7.54
CA THR C 228 -5.83 13.43 6.70
C THR C 228 -7.20 13.19 7.45
N THR C 229 -8.21 13.50 6.72
CA THR C 229 -9.62 13.23 7.29
C THR C 229 -10.24 11.82 6.89
N HIS C 230 -9.51 11.23 5.97
CA HIS C 230 -9.94 9.85 5.47
C HIS C 230 -9.85 8.64 6.48
N ILE C 231 -9.45 9.02 7.63
CA ILE C 231 -9.36 8.02 8.77
C ILE C 231 -9.39 8.65 10.22
N GLU C 232 -10.08 8.01 11.02
CA GLU C 232 -10.21 8.52 12.42
C GLU C 232 -10.35 7.52 13.63
N GLN C 233 -10.35 8.12 14.71
CA GLN C 233 -10.44 7.25 15.97
C GLN C 233 -11.41 7.67 17.11
N LYS C 234 -12.50 8.20 16.61
CA LYS C 234 -13.61 8.57 17.61
C LYS C 234 -13.64 7.58 18.83
N ALA C 235 -12.97 8.01 19.84
CA ALA C 235 -12.81 7.10 21.07
C ALA C 235 -11.42 6.36 21.33
N GLY D 1 35.82 16.55 12.99
CA GLY D 1 34.72 15.64 12.45
C GLY D 1 33.41 16.37 11.94
N ALA D 2 33.54 17.65 11.92
CA ALA D 2 32.35 18.48 11.41
C ALA D 2 31.85 18.31 9.91
N GLN D 3 30.63 18.05 9.83
CA GLN D 3 29.99 17.84 8.44
C GLN D 3 29.20 19.06 7.81
N VAL D 4 29.92 19.78 7.02
CA VAL D 4 29.28 21.00 6.35
C VAL D 4 28.50 20.83 4.99
N SER D 5 27.27 21.20 5.08
CA SER D 5 26.39 21.09 3.84
C SER D 5 25.58 22.37 3.34
N SER D 6 25.10 22.21 2.17
CA SER D 6 24.29 23.33 1.53
C SER D 6 22.72 23.36 1.75
N GLN D 7 22.29 24.49 2.21
CA GLN D 7 20.78 24.67 2.33
C GLN D 7 20.03 25.13 0.99
N LYS D 8 19.22 24.26 0.58
CA LYS D 8 18.46 24.72 -0.67
C LYS D 8 17.59 26.01 -0.33
N VAL D 9 18.20 27.13 -0.56
CA VAL D 9 17.52 28.43 -0.15
C VAL D 9 16.18 28.94 -0.80
N GLY D 10 15.18 28.93 0.03
CA GLY D 10 13.81 29.45 -0.42
C GLY D 10 13.70 31.03 -0.54
N ALA D 11 12.92 31.57 0.36
CA ALA D 11 12.80 33.11 0.38
C ALA D 11 14.06 33.96 0.86
N HIS D 12 14.82 34.37 -0.10
CA HIS D 12 16.05 35.19 0.24
C HIS D 12 15.86 36.71 0.67
N GLU D 13 16.41 37.01 1.73
CA GLU D 13 16.45 38.48 2.25
C GLU D 13 17.15 39.58 1.33
N ASN D 14 16.75 40.84 1.47
CA ASN D 14 17.53 41.85 0.64
C ASN D 14 19.11 41.94 0.94
N SER D 15 19.46 40.84 1.58
CA SER D 15 20.92 40.68 2.01
C SER D 15 21.99 40.24 0.93
N ASN D 16 23.24 40.22 1.36
N SER D 22 26.26 32.98 -4.88
CA SER D 22 26.67 32.64 -3.36
C SER D 22 25.76 31.66 -2.55
N THR D 23 26.31 30.52 -2.32
CA THR D 23 25.55 29.45 -1.51
C THR D 23 25.62 29.50 0.07
N ILE D 24 24.47 29.29 0.65
CA ILE D 24 24.46 29.26 2.17
C ILE D 24 24.56 27.81 2.82
N ASN D 25 25.42 27.82 3.75
CA ASN D 25 25.63 26.53 4.47
C ASN D 25 25.24 26.29 5.98
N TYR D 26 25.09 25.06 6.26
CA TYR D 26 24.80 24.66 7.69
C TYR D 26 25.74 23.53 8.27
N THR D 27 26.20 23.83 9.42
CA THR D 27 27.13 22.82 10.08
C THR D 27 26.53 21.75 11.05
N THR D 28 26.93 20.57 10.75
CA THR D 28 26.45 19.39 11.60
C THR D 28 27.56 18.48 12.27
N ILE D 29 27.36 18.27 13.50
CA ILE D 29 28.33 17.38 14.25
C ILE D 29 27.71 16.24 15.14
N ASN D 30 28.13 15.07 14.82
CA ASN D 30 27.64 13.90 15.63
C ASN D 30 28.23 13.59 17.06
N TYR D 31 27.42 13.84 18.02
CA TYR D 31 27.85 13.62 19.45
C TYR D 31 27.92 12.14 19.98
N TYR D 32 27.08 11.35 19.41
CA TYR D 32 27.01 9.91 19.84
C TYR D 32 27.73 8.84 18.94
N ARG D 33 28.10 7.81 19.63
CA ARG D 33 28.78 6.64 18.89
C ARG D 33 27.83 5.72 18.01
N ASP D 34 26.61 5.74 18.45
CA ASP D 34 25.55 4.92 17.72
C ASP D 34 24.71 5.65 16.58
N SER D 35 24.89 5.13 15.40
CA SER D 35 24.09 5.75 14.24
C SER D 35 22.58 6.13 14.56
N ALA D 36 22.00 5.16 15.23
CA ALA D 36 20.55 5.43 15.70
C ALA D 36 20.29 6.82 16.45
N SER D 37 21.31 7.10 17.23
CA SER D 37 21.27 8.46 17.97
C SER D 37 21.25 9.75 17.04
N ASN D 38 21.84 9.50 15.89
CA ASN D 38 21.87 10.60 14.86
C ASN D 38 20.54 11.18 14.24
N ALA D 39 20.64 12.42 13.98
CA ALA D 39 19.41 13.05 13.31
C ALA D 39 19.19 12.62 11.79
N ALA D 40 18.08 12.96 11.33
CA ALA D 40 17.84 12.66 9.85
C ALA D 40 18.49 13.66 8.79
N SER D 41 19.36 13.09 8.07
CA SER D 41 20.06 13.96 7.01
C SER D 41 19.11 14.74 5.99
N LYS D 42 18.02 14.07 5.74
CA LYS D 42 17.04 14.61 4.71
C LYS D 42 17.66 14.73 3.25
N GLN D 43 18.93 14.39 3.30
CA GLN D 43 19.68 14.33 1.95
C GLN D 43 19.37 12.98 1.17
N ASP D 44 18.15 12.95 0.83
CA ASP D 44 17.64 11.69 0.17
C ASP D 44 17.49 11.64 -1.38
N PHE D 45 17.57 10.45 -1.80
CA PHE D 45 17.39 10.19 -3.29
C PHE D 45 16.08 9.74 -3.99
N SER D 46 15.91 10.33 -5.09
CA SER D 46 14.71 9.88 -5.91
C SER D 46 15.03 8.67 -6.89
N GLN D 47 14.05 8.01 -7.15
CA GLN D 47 14.14 6.86 -8.16
C GLN D 47 12.95 6.80 -9.22
N ASP D 48 13.28 6.22 -10.30
CA ASP D 48 12.19 6.12 -11.38
C ASP D 48 11.07 5.02 -11.14
N PRO D 49 9.88 5.53 -11.09
CA PRO D 49 8.69 4.60 -10.81
C PRO D 49 8.55 3.25 -11.62
N SER D 50 9.32 3.23 -12.66
CA SER D 50 9.31 2.00 -13.56
C SER D 50 8.88 0.60 -12.96
N LYS D 51 9.60 0.25 -11.93
CA LYS D 51 9.25 -1.08 -11.25
C LYS D 51 7.73 -1.28 -10.86
N PHE D 52 7.11 -0.14 -10.76
CA PHE D 52 5.59 -0.13 -10.50
C PHE D 52 4.56 0.32 -11.63
N THR D 53 5.03 1.34 -12.30
CA THR D 53 4.20 1.89 -13.48
C THR D 53 4.34 1.11 -14.85
N GLU D 54 5.45 0.47 -14.92
CA GLU D 54 5.77 -0.39 -16.15
C GLU D 54 6.51 -1.80 -15.98
N PRO D 55 6.00 -2.46 -14.99
CA PRO D 55 6.59 -3.84 -14.64
C PRO D 55 6.61 -4.98 -15.74
N ILE D 56 6.29 -4.54 -16.90
CA ILE D 56 6.25 -5.52 -18.07
C ILE D 56 7.61 -6.05 -18.64
N LYS D 57 7.58 -7.32 -18.88
CA LYS D 57 8.83 -7.97 -19.48
C LYS D 57 9.48 -7.22 -20.70
N ASP D 58 8.62 -7.04 -21.67
CA ASP D 58 9.08 -6.28 -22.92
C ASP D 58 8.95 -4.70 -22.89
N VAL D 59 10.05 -4.12 -22.55
CA VAL D 59 10.05 -2.59 -22.54
C VAL D 59 9.04 -1.87 -23.54
N LEU D 60 8.30 -0.98 -23.00
CA LEU D 60 7.28 -0.27 -23.85
C LEU D 60 7.60 1.17 -24.39
N ILE D 61 7.38 1.31 -25.65
CA ILE D 61 7.56 2.68 -26.31
C ILE D 61 6.22 3.51 -26.50
N LYS D 62 6.11 4.52 -25.71
CA LYS D 62 4.82 5.32 -25.75
C LYS D 62 4.25 5.79 -27.13
N THR D 63 5.14 6.13 -28.01
CA THR D 63 4.65 6.52 -29.41
C THR D 63 4.01 5.34 -30.29
N ALA D 64 4.47 4.20 -29.92
CA ALA D 64 3.93 2.93 -30.61
C ALA D 64 2.76 2.11 -29.91
N PRO D 65 2.12 1.36 -30.72
CA PRO D 65 0.99 0.49 -30.14
C PRO D 65 1.33 -0.49 -28.93
N MET D 66 0.82 -0.09 -27.79
CA MET D 66 1.10 -0.99 -26.60
C MET D 66 1.00 -2.53 -26.93
N LEU D 67 -0.09 -2.81 -27.58
CA LEU D 67 -0.34 -4.23 -28.05
C LEU D 67 -0.09 -4.46 -29.60
N ASN D 68 0.89 -5.24 -29.86
CA ASN D 68 1.24 -5.51 -31.30
C ASN D 68 1.57 -6.95 -31.85
C1 SPH E . 6.67 -5.57 12.54
O1 SPH E . 7.73 -6.40 12.44
C2 SPH E . 6.21 -5.32 13.97
N2 SPH E . 4.94 -6.01 14.22
C3 SPH E . 6.03 -3.82 14.17
O3 SPH E . 5.65 -3.19 12.94
C4 SPH E . 7.29 -3.10 14.67
C5 SPH E . 7.01 -1.67 15.12
C6 SPH E . 8.18 -1.02 15.86
C7 SPH E . 8.63 -1.82 17.09
C8 SPH E . 9.96 -1.34 17.66
C9 SPH E . 10.31 -1.98 19.00
C10 SPH E . 11.13 -1.06 19.91
C11 SPH E . 11.44 -1.69 21.27
C12 SPH E . 12.58 -0.98 22.01
C13 SPH E . 12.12 0.30 22.72
C14 SPH E . 12.81 0.49 24.07
C15 SPH E . 12.68 1.91 24.62
C16 SPH E . 13.55 2.14 25.87
C17 SPH E . 13.11 3.35 26.69
C18 SPH E . 13.90 3.50 28.00
C1 MYR F . 35.59 17.28 13.99
O1 MYR F . 34.54 17.40 14.67
C2 MYR F . 36.72 18.16 14.49
C3 MYR F . 36.17 19.58 14.78
C4 MYR F . 35.65 19.66 16.23
C5 MYR F . 34.82 20.94 16.40
C6 MYR F . 34.52 21.18 17.89
C7 MYR F . 33.45 20.19 18.37
C8 MYR F . 32.38 20.92 19.20
C9 MYR F . 32.05 20.11 20.42
C10 MYR F . 32.08 18.60 20.21
C11 MYR F . 32.25 17.61 21.33
C12 MYR F . 31.47 16.32 20.99
C13 MYR F . 30.38 16.08 22.04
C14 MYR F . 30.46 14.63 22.56
#